data_3HSO
#
_entry.id   3HSO
#
_cell.length_a   51.830
_cell.length_b   110.440
_cell.length_c   164.640
_cell.angle_alpha   90.00
_cell.angle_beta   90.00
_cell.angle_gamma   90.00
#
_symmetry.space_group_name_H-M   'P 21 21 21'
#
loop_
_entity.id
_entity.type
_entity.pdbx_description
1 polymer 'Nitric oxide synthase, brain'
2 non-polymer 'PROTOPORPHYRIN IX CONTAINING FE'
3 non-polymer 'NITRIC OXIDE'
4 non-polymer 5,6,7,8-TETRAHYDROBIOPTERIN
5 non-polymer N-OMEGA-HYDROXY-L-ARGININE
6 non-polymer 'ACETATE ION'
7 non-polymer 'ZINC ION'
8 water water
#
_entity_poly.entity_id   1
_entity_poly.type   'polypeptide(L)'
_entity_poly.pdbx_seq_one_letter_code
;CPRFLKVKNWETDVVLTDTLHLKSTLETGCTEHICMGSIMLPSQHTRKPEDVRTKDQLFPLAKEFLDQYYSSIKRFGSKA
HMDRLEEVNKEIESTSTYQLKDTELIYGAKHAWRNASRCVGRIQWSKLQVFDARDCTTAHGMFNYICNHVKYATNKGNLR
SAITIFPQRTDGKHDFRVWNSQLIRYAGYKQPDGSTLGDPANVQFTEICIQQGWKAPRGRFDVLPLLLQANGNDPELFQI
PPELVLEVPIRHPKFDWFKDLGLKWYGLPAVSNMLLEIGGLEFSACPFSGWYMGTEIGVRDYCDNSRYNILEEVAKKMDL
DMRKTSSLWKDQALVEINIAVLYSFQSDKVTIVDHHSATESFIKHMENEYRCRGGCPADWVWIVPPMSGSITPVFHQEML
NYRLTPSFEYQPDPWNTHVWKG
;
_entity_poly.pdbx_strand_id   A,B
#
loop_
_chem_comp.id
_chem_comp.type
_chem_comp.name
_chem_comp.formula
ACT non-polymer 'ACETATE ION' 'C2 H3 O2 -1'
H4B non-polymer 5,6,7,8-TETRAHYDROBIOPTERIN 'C9 H15 N5 O3'
HEM non-polymer 'PROTOPORPHYRIN IX CONTAINING FE' 'C34 H32 Fe N4 O4'
NO non-polymer 'NITRIC OXIDE' 'N O'
ZN non-polymer 'ZINC ION' 'Zn 2'
#
# COMPACT_ATOMS: atom_id res chain seq x y z
N ARG A 3 8.62 -2.10 -22.01
CA ARG A 3 8.47 -0.72 -22.48
C ARG A 3 7.02 -0.31 -22.75
N PHE A 4 6.16 -1.27 -23.13
CA PHE A 4 4.70 -1.07 -23.00
C PHE A 4 4.20 -1.98 -21.89
N LEU A 5 3.58 -1.37 -20.89
CA LEU A 5 3.33 -2.03 -19.61
C LEU A 5 1.86 -2.32 -19.40
N LYS A 6 1.59 -3.50 -18.86
CA LYS A 6 0.22 -3.91 -18.57
C LYS A 6 -0.09 -3.72 -17.09
N VAL A 7 -1.32 -3.30 -16.79
CA VAL A 7 -1.81 -3.31 -15.42
C VAL A 7 -3.08 -4.12 -15.36
N LYS A 8 -3.17 -4.98 -14.35
CA LYS A 8 -4.36 -5.80 -14.13
C LYS A 8 -5.15 -5.40 -12.90
N ASN A 9 -6.48 -5.38 -13.03
CA ASN A 9 -7.37 -5.38 -11.92
C ASN A 9 -7.73 -6.82 -11.57
N TRP A 10 -7.38 -7.27 -10.37
CA TRP A 10 -7.51 -8.69 -10.00
C TRP A 10 -8.93 -9.12 -9.60
N GLU A 11 -9.83 -8.15 -9.54
CA GLU A 11 -11.21 -8.36 -9.19
C GLU A 11 -12.03 -8.51 -10.47
N THR A 12 -11.70 -7.71 -11.49
CA THR A 12 -12.45 -7.66 -12.74
C THR A 12 -11.71 -8.34 -13.87
N ASP A 13 -10.44 -8.68 -13.63
CA ASP A 13 -9.55 -9.23 -14.65
C ASP A 13 -9.27 -8.29 -15.84
N VAL A 14 -9.82 -7.07 -15.82
CA VAL A 14 -9.49 -6.06 -16.84
C VAL A 14 -8.00 -5.72 -16.89
N VAL A 15 -7.47 -5.65 -18.09
CA VAL A 15 -6.07 -5.28 -18.33
C VAL A 15 -6.01 -4.00 -19.15
N LEU A 16 -5.26 -3.02 -18.66
CA LEU A 16 -5.04 -1.79 -19.41
C LEU A 16 -3.59 -1.78 -19.82
N THR A 17 -3.31 -1.12 -20.93
CA THR A 17 -1.94 -1.01 -21.42
C THR A 17 -1.47 0.43 -21.25
N ASP A 18 -0.36 0.61 -20.53
CA ASP A 18 0.17 1.93 -20.28
C ASP A 18 1.32 2.22 -21.24
N THR A 19 1.19 3.32 -21.98
CA THR A 19 2.26 3.85 -22.82
C THR A 19 2.69 5.24 -22.35
N LEU A 20 1.90 5.84 -21.46
CA LEU A 20 2.12 7.24 -21.08
C LEU A 20 3.38 7.33 -20.25
N HIS A 21 3.75 6.23 -19.60
CA HIS A 21 4.93 6.25 -18.74
C HIS A 21 6.22 6.55 -19.50
N LEU A 22 6.21 6.34 -20.81
CA LEU A 22 7.43 6.60 -21.60
C LEU A 22 7.69 8.09 -21.75
N LYS A 23 6.64 8.90 -21.57
CA LYS A 23 6.80 10.35 -21.52
C LYS A 23 7.40 10.79 -20.19
N SER A 24 7.55 9.86 -19.25
CA SER A 24 8.03 10.20 -17.90
C SER A 24 9.43 10.79 -17.96
N THR A 25 9.68 11.83 -17.18
CA THR A 25 10.97 12.48 -17.27
C THR A 25 11.84 12.28 -16.04
N LEU A 26 11.35 12.69 -14.87
CA LEU A 26 12.17 12.63 -13.66
C LEU A 26 12.12 11.28 -12.94
N GLU A 27 12.94 11.16 -11.89
CA GLU A 27 13.16 9.88 -11.20
C GLU A 27 11.98 9.50 -10.30
N THR A 28 11.91 8.21 -9.94
CA THR A 28 10.83 7.66 -9.09
C THR A 28 11.26 7.45 -7.64
N GLY A 29 12.58 7.33 -7.42
CA GLY A 29 13.12 6.97 -6.12
C GLY A 29 13.71 5.56 -6.14
N CYS A 30 13.06 4.66 -6.88
CA CYS A 30 13.45 3.26 -6.93
C CYS A 30 14.64 2.99 -7.87
N THR A 31 15.21 1.78 -7.75
CA THR A 31 16.11 1.24 -8.78
C THR A 31 15.70 -0.18 -9.18
N GLU A 32 16.49 -0.81 -10.05
CA GLU A 32 16.26 -2.21 -10.45
C GLU A 32 16.39 -3.15 -9.25
N HIS A 33 17.21 -2.76 -8.27
CA HIS A 33 17.46 -3.57 -7.09
C HIS A 33 16.57 -3.24 -5.87
N ILE A 34 16.04 -2.02 -5.79
CA ILE A 34 15.32 -1.58 -4.59
C ILE A 34 14.06 -0.73 -4.86
N CYS A 35 12.91 -1.23 -4.40
CA CYS A 35 11.65 -0.50 -4.56
C CYS A 35 11.36 0.36 -3.35
N MET A 36 11.14 1.66 -3.61
CA MET A 36 10.96 2.63 -2.53
C MET A 36 9.52 3.15 -2.55
N GLY A 37 8.59 2.28 -2.93
CA GLY A 37 7.21 2.67 -3.13
C GLY A 37 6.53 3.30 -1.93
N SER A 38 7.03 2.97 -0.73
CA SER A 38 6.39 3.42 0.53
C SER A 38 7.12 4.54 1.29
N ILE A 39 8.19 5.10 0.72
CA ILE A 39 8.89 6.27 1.32
C ILE A 39 8.08 7.53 1.00
N MET A 40 7.70 8.32 2.03
CA MET A 40 6.96 9.57 1.79
C MET A 40 7.73 10.60 0.91
N LEU A 41 9.04 10.74 1.15
CA LEU A 41 9.88 11.70 0.41
C LEU A 41 11.20 11.05 -0.09
N PRO A 42 11.17 10.35 -1.23
CA PRO A 42 12.37 9.66 -1.76
C PRO A 42 13.25 10.52 -2.69
N VAL A 52 17.86 27.94 -8.68
CA VAL A 52 17.02 28.21 -9.86
C VAL A 52 17.63 27.68 -11.14
N ARG A 53 16.76 27.44 -12.13
CA ARG A 53 17.13 26.79 -13.37
C ARG A 53 17.80 27.75 -14.34
N THR A 54 18.96 27.34 -14.84
CA THR A 54 19.71 28.13 -15.81
C THR A 54 19.04 28.08 -17.18
N LYS A 55 19.36 29.06 -18.03
CA LYS A 55 18.79 29.17 -19.38
C LYS A 55 18.77 27.83 -20.10
N ASP A 56 19.91 27.14 -20.05
CA ASP A 56 20.07 25.82 -20.66
C ASP A 56 19.13 24.78 -20.10
N GLN A 57 18.93 24.81 -18.79
CA GLN A 57 17.95 23.95 -18.17
C GLN A 57 16.55 24.34 -18.64
N LEU A 58 16.26 25.64 -18.66
CA LEU A 58 14.90 26.11 -18.90
C LEU A 58 14.32 25.84 -20.30
N PHE A 59 15.11 26.04 -21.35
CA PHE A 59 14.47 25.92 -22.66
C PHE A 59 13.94 24.54 -23.04
N PRO A 60 14.71 23.48 -22.77
CA PRO A 60 14.09 22.17 -23.09
C PRO A 60 12.78 21.97 -22.31
N LEU A 61 12.74 22.46 -21.08
CA LEU A 61 11.54 22.30 -20.24
C LEU A 61 10.41 23.17 -20.79
N ALA A 62 10.74 24.40 -21.21
CA ALA A 62 9.73 25.28 -21.79
C ALA A 62 9.16 24.62 -23.07
N LYS A 63 10.08 24.17 -23.92
CA LYS A 63 9.71 23.52 -25.17
C LYS A 63 8.88 22.26 -25.00
N GLU A 64 9.28 21.42 -24.04
CA GLU A 64 8.54 20.19 -23.71
C GLU A 64 7.09 20.59 -23.39
N PHE A 65 6.95 21.61 -22.54
CA PHE A 65 5.62 22.08 -22.14
C PHE A 65 4.78 22.68 -23.31
N LEU A 66 5.38 23.66 -23.99
CA LEU A 66 4.68 24.28 -25.15
C LEU A 66 4.23 23.24 -26.19
N ASP A 67 5.08 22.25 -26.45
CA ASP A 67 4.71 21.18 -27.39
C ASP A 67 3.46 20.49 -26.93
N GLN A 68 3.42 20.10 -25.65
CA GLN A 68 2.22 19.43 -25.18
C GLN A 68 1.02 20.38 -25.19
N TYR A 69 1.25 21.65 -24.87
CA TYR A 69 0.16 22.61 -24.90
C TYR A 69 -0.44 22.70 -26.31
N TYR A 70 0.42 22.84 -27.31
CA TYR A 70 0.00 23.03 -28.69
C TYR A 70 -0.59 21.78 -29.32
N SER A 71 -0.05 20.65 -28.92
CA SER A 71 -0.69 19.39 -29.23
C SER A 71 -2.10 19.29 -28.68
N SER A 72 -2.31 19.75 -27.44
CA SER A 72 -3.62 19.65 -26.78
C SER A 72 -4.70 20.49 -27.46
N ILE A 73 -4.31 21.64 -28.02
CA ILE A 73 -5.25 22.47 -28.77
C ILE A 73 -5.24 22.18 -30.28
N LYS A 74 -4.67 21.03 -30.65
CA LYS A 74 -4.60 20.60 -32.06
C LYS A 74 -3.96 21.64 -32.98
N ARG A 75 -2.90 22.28 -32.54
CA ARG A 75 -2.13 23.21 -33.36
C ARG A 75 -0.66 22.83 -33.29
N PHE A 76 -0.40 21.54 -33.10
CA PHE A 76 0.98 21.04 -33.12
C PHE A 76 1.63 21.28 -34.49
N GLY A 77 2.83 21.84 -34.47
CA GLY A 77 3.57 22.16 -35.69
C GLY A 77 3.06 23.37 -36.48
N SER A 78 2.08 24.09 -35.90
CA SER A 78 1.52 25.28 -36.54
C SER A 78 2.49 26.43 -36.48
N LYS A 79 2.23 27.47 -37.26
CA LYS A 79 3.02 28.68 -37.14
C LYS A 79 2.83 29.29 -35.73
N ALA A 80 1.59 29.31 -35.26
CA ALA A 80 1.30 29.78 -33.88
C ALA A 80 2.21 29.06 -32.85
N HIS A 81 2.32 27.73 -33.01
CA HIS A 81 3.19 26.90 -32.19
C HIS A 81 4.66 27.35 -32.34
N MET A 82 5.16 27.37 -33.57
CA MET A 82 6.56 27.73 -33.83
C MET A 82 6.88 29.16 -33.38
N ASP A 83 5.94 30.05 -33.68
CA ASP A 83 6.03 31.45 -33.26
C ASP A 83 6.25 31.55 -31.73
N ARG A 84 5.50 30.76 -30.97
CA ARG A 84 5.57 30.83 -29.51
C ARG A 84 6.92 30.31 -28.98
N LEU A 85 7.37 29.17 -29.49
CA LEU A 85 8.67 28.62 -29.08
C LEU A 85 9.76 29.65 -29.26
N GLU A 86 9.74 30.32 -30.40
CA GLU A 86 10.80 31.31 -30.67
C GLU A 86 10.71 32.48 -29.71
N GLU A 87 9.50 32.98 -29.53
CA GLU A 87 9.24 34.09 -28.61
C GLU A 87 9.78 33.76 -27.22
N VAL A 88 9.49 32.53 -26.77
CA VAL A 88 9.89 32.12 -25.43
C VAL A 88 11.41 31.95 -25.35
N ASN A 89 11.93 31.32 -26.39
CA ASN A 89 13.38 31.21 -26.59
C ASN A 89 14.06 32.56 -26.44
N LYS A 90 13.57 33.55 -27.19
CA LYS A 90 14.18 34.89 -27.16
C LYS A 90 14.13 35.46 -25.75
N GLU A 91 13.00 35.21 -25.08
CA GLU A 91 12.75 35.79 -23.77
C GLU A 91 13.63 35.16 -22.69
N ILE A 92 13.84 33.85 -22.78
CA ILE A 92 14.76 33.17 -21.85
C ILE A 92 16.17 33.69 -22.05
N GLU A 93 16.60 33.80 -23.32
CA GLU A 93 17.94 34.26 -23.64
C GLU A 93 18.19 35.67 -23.13
N SER A 94 17.18 36.53 -23.28
CA SER A 94 17.31 37.93 -22.91
C SER A 94 17.11 38.23 -21.42
N THR A 95 16.13 37.53 -20.80
CA THR A 95 15.74 37.79 -19.41
C THR A 95 15.99 36.65 -18.45
N SER A 96 16.57 35.56 -18.95
CA SER A 96 16.81 34.34 -18.15
C SER A 96 15.56 33.59 -17.65
N THR A 97 14.38 34.13 -17.86
CA THR A 97 13.14 33.42 -17.50
C THR A 97 12.10 33.68 -18.57
N TYR A 98 10.86 33.24 -18.36
CA TYR A 98 9.76 33.69 -19.25
C TYR A 98 8.41 33.73 -18.53
N GLN A 99 7.43 34.31 -19.19
CA GLN A 99 6.10 34.44 -18.62
C GLN A 99 5.08 33.63 -19.43
N LEU A 100 4.31 32.80 -18.73
CA LEU A 100 3.27 31.98 -19.32
C LEU A 100 2.09 32.86 -19.75
N LYS A 101 1.45 32.54 -20.88
CA LYS A 101 0.20 33.17 -21.25
C LYS A 101 -0.83 32.62 -20.30
N ASP A 102 -1.94 33.34 -20.13
CA ASP A 102 -2.98 32.92 -19.22
C ASP A 102 -3.48 31.52 -19.61
N THR A 103 -3.63 31.31 -20.91
CA THR A 103 -4.11 30.01 -21.38
C THR A 103 -3.13 28.90 -20.95
N GLU A 104 -1.84 29.19 -21.11
CA GLU A 104 -0.80 28.22 -20.73
C GLU A 104 -0.81 27.93 -19.21
N LEU A 105 -1.07 28.98 -18.44
CA LEU A 105 -1.11 28.87 -16.99
C LEU A 105 -2.25 27.95 -16.53
N ILE A 106 -3.44 28.18 -17.07
CA ILE A 106 -4.62 27.40 -16.77
C ILE A 106 -4.45 25.92 -17.17
N TYR A 107 -3.97 25.66 -18.40
CA TYR A 107 -3.70 24.31 -18.88
C TYR A 107 -2.69 23.64 -17.97
N GLY A 108 -1.65 24.38 -17.62
CA GLY A 108 -0.56 23.84 -16.82
C GLY A 108 -1.01 23.45 -15.42
N ALA A 109 -1.80 24.30 -14.78
CA ALA A 109 -2.32 23.97 -13.45
C ALA A 109 -3.26 22.79 -13.49
N LYS A 110 -4.13 22.74 -14.50
CA LYS A 110 -5.06 21.64 -14.59
C LYS A 110 -4.28 20.33 -14.76
N HIS A 111 -3.17 20.41 -15.50
CA HIS A 111 -2.37 19.21 -15.76
C HIS A 111 -1.47 18.78 -14.59
N ALA A 112 -1.00 19.73 -13.77
CA ALA A 112 -0.31 19.36 -12.56
C ALA A 112 -1.23 18.45 -11.69
N TRP A 113 -2.49 18.86 -11.54
CA TRP A 113 -3.49 18.05 -10.85
C TRP A 113 -3.70 16.70 -11.56
N ARG A 114 -3.98 16.75 -12.85
CA ARG A 114 -4.10 15.54 -13.67
C ARG A 114 -2.94 14.53 -13.42
N ASN A 115 -1.74 15.07 -13.25
CA ASN A 115 -0.55 14.24 -13.07
C ASN A 115 -0.22 13.87 -11.60
N ALA A 116 -1.03 14.34 -10.67
CA ALA A 116 -0.77 14.15 -9.26
C ALA A 116 -1.02 12.68 -8.86
N SER A 117 0.05 11.89 -8.85
CA SER A 117 -0.06 10.43 -8.62
CA SER A 117 -0.07 10.43 -8.61
C SER A 117 -0.76 10.05 -7.31
N ARG A 118 -0.66 10.92 -6.30
CA ARG A 118 -1.20 10.63 -4.98
C ARG A 118 -2.65 11.06 -4.76
N CYS A 119 -3.27 11.71 -5.74
CA CYS A 119 -4.60 12.28 -5.52
C CYS A 119 -5.69 11.35 -6.08
N VAL A 120 -6.64 10.93 -5.24
CA VAL A 120 -7.69 10.01 -5.68
C VAL A 120 -8.85 10.75 -6.42
N GLY A 121 -8.85 12.08 -6.33
CA GLY A 121 -9.99 12.84 -6.78
C GLY A 121 -9.83 13.41 -8.17
N ARG A 122 -8.84 12.92 -8.92
CA ARG A 122 -8.52 13.55 -10.18
C ARG A 122 -9.58 13.40 -11.32
N ILE A 123 -10.65 12.67 -11.10
CA ILE A 123 -11.72 12.65 -12.11
C ILE A 123 -12.22 14.08 -12.37
N GLN A 124 -12.11 14.91 -11.34
CA GLN A 124 -12.49 16.32 -11.40
C GLN A 124 -11.49 17.27 -12.11
N TRP A 125 -10.34 16.73 -12.58
CA TRP A 125 -9.14 17.56 -12.83
C TRP A 125 -9.35 18.78 -13.74
N SER A 126 -10.30 18.67 -14.66
CA SER A 126 -10.49 19.73 -15.66
C SER A 126 -11.46 20.81 -15.19
N LYS A 127 -12.11 20.56 -14.07
CA LYS A 127 -13.01 21.55 -13.52
C LYS A 127 -12.26 22.14 -12.32
N LEU A 128 -11.38 23.09 -12.63
CA LEU A 128 -10.48 23.75 -11.63
C LEU A 128 -10.52 25.22 -11.94
N GLN A 129 -10.94 26.03 -10.97
CA GLN A 129 -10.92 27.45 -11.11
C GLN A 129 -9.52 27.93 -10.80
N VAL A 130 -8.92 28.66 -11.74
CA VAL A 130 -7.56 29.10 -11.61
C VAL A 130 -7.53 30.60 -11.39
N PHE A 131 -7.02 31.02 -10.24
CA PHE A 131 -6.93 32.42 -9.90
C PHE A 131 -5.49 32.86 -10.10
N ASP A 132 -5.31 33.77 -11.03
CA ASP A 132 -3.98 34.25 -11.42
C ASP A 132 -3.56 35.41 -10.52
N ALA A 133 -2.68 35.11 -9.56
CA ALA A 133 -2.19 36.13 -8.65
C ALA A 133 -0.77 36.55 -8.96
N ARG A 134 -0.35 36.42 -10.20
CA ARG A 134 1.00 36.80 -10.56
C ARG A 134 1.27 38.33 -10.50
N ASP A 135 0.22 39.13 -10.31
CA ASP A 135 0.42 40.58 -10.15
C ASP A 135 0.61 40.99 -8.69
N CYS A 136 0.63 40.02 -7.80
CA CYS A 136 0.75 40.28 -6.37
C CYS A 136 2.18 40.70 -6.02
N THR A 137 2.32 41.61 -5.05
CA THR A 137 3.63 42.16 -4.73
C THR A 137 3.91 42.17 -3.22
N THR A 138 2.85 42.10 -2.41
CA THR A 138 2.95 42.18 -0.95
C THR A 138 2.13 41.10 -0.21
N ALA A 139 2.39 40.95 1.08
CA ALA A 139 1.76 39.90 1.88
C ALA A 139 0.34 40.25 2.17
N HIS A 140 0.07 41.55 2.28
CA HIS A 140 -1.31 42.00 2.34
C HIS A 140 -2.08 41.61 1.05
N GLY A 141 -1.47 41.81 -0.11
CA GLY A 141 -2.04 41.35 -1.36
C GLY A 141 -2.34 39.86 -1.27
N MET A 142 -1.41 39.10 -0.71
CA MET A 142 -1.54 37.66 -0.60
C MET A 142 -2.71 37.29 0.29
N PHE A 143 -2.80 37.96 1.43
CA PHE A 143 -3.96 37.80 2.30
C PHE A 143 -5.28 38.04 1.51
N ASN A 144 -5.35 39.13 0.76
CA ASN A 144 -6.58 39.44 0.01
C ASN A 144 -6.98 38.32 -0.97
N TYR A 145 -6.01 37.95 -1.81
CA TYR A 145 -6.10 36.81 -2.68
C TYR A 145 -6.57 35.52 -2.01
N ILE A 146 -5.98 35.21 -0.86
CA ILE A 146 -6.31 33.95 -0.17
C ILE A 146 -7.72 33.98 0.42
N CYS A 147 -8.14 35.15 0.94
CA CYS A 147 -9.53 35.30 1.42
C CYS A 147 -10.51 35.06 0.27
N ASN A 148 -10.22 35.63 -0.90
CA ASN A 148 -11.09 35.45 -2.05
C ASN A 148 -11.20 33.99 -2.50
N HIS A 149 -10.07 33.28 -2.52
CA HIS A 149 -9.99 31.84 -2.79
C HIS A 149 -10.87 31.06 -1.80
N VAL A 150 -10.59 31.28 -0.51
CA VAL A 150 -11.34 30.61 0.54
C VAL A 150 -12.87 30.83 0.37
N LYS A 151 -13.29 32.07 0.12
CA LYS A 151 -14.71 32.35 -0.02
C LYS A 151 -15.29 31.74 -1.29
N TYR A 152 -14.53 31.83 -2.39
CA TYR A 152 -14.97 31.26 -3.67
C TYR A 152 -15.15 29.75 -3.59
N ALA A 153 -14.14 29.09 -3.03
CA ALA A 153 -14.07 27.61 -3.01
C ALA A 153 -15.09 27.06 -1.98
N THR A 154 -15.23 27.73 -0.84
CA THR A 154 -16.15 27.30 0.20
C THR A 154 -17.60 27.35 -0.32
N ASN A 155 -17.96 28.49 -0.94
CA ASN A 155 -19.25 28.65 -1.64
C ASN A 155 -20.45 28.19 -0.78
N LYS A 156 -20.45 28.65 0.49
CA LYS A 156 -21.48 28.33 1.45
C LYS A 156 -21.64 26.82 1.72
N GLY A 157 -20.60 26.04 1.47
CA GLY A 157 -20.66 24.61 1.73
C GLY A 157 -20.72 23.75 0.47
N ASN A 158 -21.12 24.36 -0.66
CA ASN A 158 -21.09 23.69 -1.95
C ASN A 158 -19.71 23.97 -2.59
N LEU A 159 -18.74 23.16 -2.20
CA LEU A 159 -17.33 23.47 -2.47
C LEU A 159 -17.00 23.37 -3.92
N ARG A 160 -16.11 24.23 -4.37
CA ARG A 160 -15.65 24.23 -5.75
C ARG A 160 -14.12 24.20 -5.76
N SER A 161 -13.53 23.38 -6.62
CA SER A 161 -12.07 23.27 -6.69
CA SER A 161 -12.07 23.28 -6.67
C SER A 161 -11.40 24.57 -7.15
N ALA A 162 -10.29 24.96 -6.51
CA ALA A 162 -9.58 26.17 -6.95
C ALA A 162 -8.10 26.16 -6.62
N ILE A 163 -7.33 26.91 -7.38
CA ILE A 163 -5.92 27.16 -7.07
C ILE A 163 -5.66 28.64 -7.28
N THR A 164 -4.81 29.20 -6.45
CA THR A 164 -4.45 30.58 -6.57
C THR A 164 -2.95 30.57 -6.74
N ILE A 165 -2.47 31.21 -7.80
CA ILE A 165 -1.07 31.11 -8.22
C ILE A 165 -0.30 32.44 -8.10
N PHE A 166 0.60 32.49 -7.14
CA PHE A 166 1.40 33.68 -6.94
C PHE A 166 2.62 33.74 -7.86
N PRO A 167 3.33 34.87 -7.87
CA PRO A 167 4.43 35.02 -8.82
C PRO A 167 5.47 33.90 -8.77
N GLN A 168 6.06 33.57 -9.93
CA GLN A 168 7.06 32.49 -10.01
C GLN A 168 8.39 32.88 -9.35
N ARG A 169 9.21 31.88 -9.06
CA ARG A 169 10.56 32.07 -8.55
C ARG A 169 11.41 32.76 -9.62
N THR A 170 12.29 33.64 -9.17
CA THR A 170 13.20 34.35 -10.07
C THR A 170 14.66 33.97 -9.77
N ASP A 171 15.26 34.61 -8.78
CA ASP A 171 16.63 34.31 -8.39
C ASP A 171 16.64 33.45 -7.14
N GLY A 172 15.45 33.18 -6.61
CA GLY A 172 15.31 32.33 -5.45
C GLY A 172 15.53 33.08 -4.15
N LYS A 173 15.80 34.39 -4.28
CA LYS A 173 15.90 35.27 -3.09
C LYS A 173 14.66 36.16 -2.93
N HIS A 174 13.66 35.95 -3.79
CA HIS A 174 12.43 36.74 -3.78
C HIS A 174 11.21 35.83 -3.88
N ASP A 175 11.28 34.69 -3.20
CA ASP A 175 10.21 33.70 -3.23
C ASP A 175 8.95 34.16 -2.53
N PHE A 176 7.81 33.89 -3.15
CA PHE A 176 6.53 33.94 -2.44
C PHE A 176 6.33 32.59 -1.73
N ARG A 177 5.89 32.63 -0.49
CA ARG A 177 5.58 31.39 0.21
C ARG A 177 4.42 31.60 1.16
N VAL A 178 3.60 30.56 1.30
CA VAL A 178 2.64 30.47 2.38
C VAL A 178 3.33 29.53 3.37
N TRP A 179 3.67 30.05 4.54
CA TRP A 179 4.36 29.25 5.56
C TRP A 179 3.46 28.14 6.10
N ASN A 180 2.14 28.37 6.10
CA ASN A 180 1.18 27.34 6.53
C ASN A 180 1.27 26.11 5.61
N SER A 181 1.03 24.93 6.17
CA SER A 181 0.97 23.73 5.37
C SER A 181 -0.42 23.56 4.69
N GLN A 182 -1.49 24.04 5.32
CA GLN A 182 -2.78 24.24 4.65
C GLN A 182 -3.29 25.62 5.06
N LEU A 183 -4.17 26.20 4.26
CA LEU A 183 -4.72 27.53 4.55
C LEU A 183 -5.49 27.53 5.84
N ILE A 184 -6.21 26.45 6.08
CA ILE A 184 -6.95 26.30 7.32
C ILE A 184 -6.46 25.02 8.01
N ARG A 185 -5.94 25.23 9.22
CA ARG A 185 -5.54 24.16 10.12
C ARG A 185 -5.65 24.66 11.59
N TYR A 186 -5.59 23.73 12.53
CA TYR A 186 -5.70 24.01 13.96
C TYR A 186 -4.34 24.02 14.66
N ALA A 187 -4.23 24.86 15.69
CA ALA A 187 -2.97 25.02 16.40
C ALA A 187 -2.64 23.80 17.27
N GLY A 188 -1.35 23.63 17.53
CA GLY A 188 -0.90 22.66 18.51
C GLY A 188 0.05 23.27 19.52
N TYR A 189 -0.10 22.89 20.79
CA TYR A 189 0.64 23.48 21.90
C TYR A 189 1.22 22.39 22.81
N LYS A 190 2.56 22.34 22.93
CA LYS A 190 3.19 21.47 23.95
C LYS A 190 2.90 22.00 25.38
N GLN A 191 2.33 21.15 26.24
CA GLN A 191 1.93 21.51 27.61
CA GLN A 191 2.00 21.59 27.59
C GLN A 191 2.98 21.07 28.66
N PRO A 192 3.00 21.71 29.85
CA PRO A 192 3.93 21.26 30.91
C PRO A 192 3.53 19.87 31.40
N ASP A 193 2.22 19.61 31.28
CA ASP A 193 1.60 18.30 31.49
C ASP A 193 2.33 17.21 30.68
N GLY A 194 3.12 17.63 29.69
CA GLY A 194 3.89 16.73 28.84
C GLY A 194 3.11 16.37 27.58
N SER A 195 1.81 16.59 27.65
CA SER A 195 0.89 16.25 26.59
C SER A 195 0.87 17.36 25.54
N THR A 196 0.09 17.15 24.49
CA THR A 196 -0.11 18.17 23.48
C THR A 196 -1.59 18.56 23.46
N LEU A 197 -1.85 19.87 23.43
CA LEU A 197 -3.20 20.37 23.27
C LEU A 197 -3.36 20.81 21.82
N GLY A 198 -4.44 20.36 21.20
CA GLY A 198 -4.75 20.68 19.82
C GLY A 198 -4.19 19.65 18.88
N ASP A 199 -3.71 20.12 17.74
CA ASP A 199 -3.21 19.21 16.71
C ASP A 199 -1.70 19.10 16.80
N PRO A 200 -1.21 17.92 17.18
CA PRO A 200 0.24 17.84 17.35
C PRO A 200 1.02 17.95 16.03
N ALA A 201 0.38 17.79 14.87
CA ALA A 201 1.08 18.02 13.59
C ALA A 201 1.57 19.47 13.41
N ASN A 202 1.02 20.41 14.16
CA ASN A 202 1.29 21.83 13.95
C ASN A 202 2.03 22.53 15.09
N VAL A 203 2.57 21.72 15.99
CA VAL A 203 3.28 22.33 17.11
C VAL A 203 4.33 23.32 16.58
N GLN A 204 5.29 22.85 15.78
CA GLN A 204 6.39 23.72 15.33
C GLN A 204 5.85 25.03 14.71
N PHE A 205 4.91 24.91 13.78
CA PHE A 205 4.44 26.07 13.06
C PHE A 205 3.77 27.06 14.01
N THR A 206 2.98 26.54 14.94
CA THR A 206 2.33 27.35 15.96
C THR A 206 3.35 28.17 16.74
N GLU A 207 4.48 27.54 17.02
CA GLU A 207 5.49 28.19 17.82
CA GLU A 207 5.58 28.12 17.79
C GLU A 207 6.15 29.30 17.01
N ILE A 208 6.24 29.12 15.69
CA ILE A 208 6.79 30.15 14.85
C ILE A 208 5.84 31.34 14.85
N CYS A 209 4.55 31.06 14.76
CA CYS A 209 3.58 32.14 14.83
C CYS A 209 3.80 32.93 16.12
N ILE A 210 3.85 32.22 17.24
CA ILE A 210 3.98 32.89 18.53
C ILE A 210 5.23 33.78 18.62
N GLN A 211 6.37 33.24 18.20
CA GLN A 211 7.63 34.00 18.09
C GLN A 211 7.47 35.26 17.24
N GLN A 212 6.55 35.20 16.29
CA GLN A 212 6.38 36.29 15.35
C GLN A 212 5.33 37.29 15.83
N GLY A 213 4.66 36.97 16.92
CA GLY A 213 3.67 37.88 17.49
C GLY A 213 2.27 37.38 17.78
N TRP A 214 1.92 36.20 17.28
CA TRP A 214 0.55 35.71 17.41
C TRP A 214 0.14 35.59 18.85
N LYS A 215 -1.09 35.97 19.16
CA LYS A 215 -1.62 35.74 20.51
C LYS A 215 -2.50 34.51 20.45
N ALA A 216 -1.95 33.39 20.87
CA ALA A 216 -2.63 32.11 20.80
C ALA A 216 -3.72 31.98 21.86
N PRO A 217 -4.95 31.62 21.45
CA PRO A 217 -6.04 31.32 22.39
C PRO A 217 -5.77 30.12 23.30
N ARG A 218 -4.88 29.24 22.87
CA ARG A 218 -4.57 28.00 23.60
C ARG A 218 -5.77 27.10 23.86
N GLY A 219 -6.55 26.83 22.81
CA GLY A 219 -7.60 25.82 22.82
C GLY A 219 -7.24 24.61 21.94
N ARG A 220 -8.21 23.74 21.70
CA ARG A 220 -8.01 22.43 21.05
C ARG A 220 -8.14 22.56 19.51
N PHE A 221 -8.83 23.61 19.07
CA PHE A 221 -9.24 23.81 17.68
C PHE A 221 -9.16 25.29 17.31
N ASP A 222 -8.01 25.90 17.58
CA ASP A 222 -7.78 27.28 17.21
C ASP A 222 -7.37 27.34 15.74
N VAL A 223 -8.18 27.94 14.87
CA VAL A 223 -7.75 28.17 13.50
C VAL A 223 -6.49 29.02 13.51
N LEU A 224 -5.43 28.49 12.89
CA LEU A 224 -4.15 29.21 12.85
C LEU A 224 -4.21 30.45 11.94
N PRO A 225 -3.33 31.42 12.18
CA PRO A 225 -3.19 32.58 11.31
C PRO A 225 -2.34 32.27 10.08
N LEU A 226 -2.47 33.14 9.10
CA LEU A 226 -1.69 32.97 7.89
C LEU A 226 -0.37 33.69 8.12
N LEU A 227 0.69 33.06 7.67
CA LEU A 227 2.00 33.61 7.77
C LEU A 227 2.44 33.62 6.32
N LEU A 228 2.45 34.82 5.75
CA LEU A 228 2.61 34.99 4.33
C LEU A 228 3.89 35.76 3.97
N GLN A 229 4.61 35.23 2.99
CA GLN A 229 5.87 35.77 2.55
C GLN A 229 5.80 36.20 1.09
N ALA A 230 5.92 37.51 0.86
CA ALA A 230 5.98 38.06 -0.48
C ALA A 230 7.40 38.52 -0.87
N ASN A 231 7.79 38.19 -2.10
CA ASN A 231 8.96 38.72 -2.77
C ASN A 231 10.24 38.52 -1.97
N GLY A 232 10.29 37.40 -1.25
CA GLY A 232 11.42 37.05 -0.42
C GLY A 232 11.50 37.82 0.88
N ASN A 233 10.50 38.65 1.18
CA ASN A 233 10.57 39.42 2.41
C ASN A 233 10.28 38.53 3.61
N ASP A 234 10.39 39.06 4.83
CA ASP A 234 10.01 38.34 6.04
C ASP A 234 8.50 38.13 6.00
N PRO A 235 8.01 37.00 6.54
CA PRO A 235 6.58 36.69 6.51
C PRO A 235 5.81 37.53 7.51
N GLU A 236 4.53 37.80 7.23
CA GLU A 236 3.67 38.56 8.14
C GLU A 236 2.46 37.74 8.54
N LEU A 237 1.91 38.04 9.71
CA LEU A 237 0.71 37.36 10.20
C LEU A 237 -0.61 38.05 9.81
N PHE A 238 -1.64 37.25 9.55
CA PHE A 238 -3.02 37.69 9.23
C PHE A 238 -3.97 36.63 9.73
N GLN A 239 -5.12 37.06 10.24
CA GLN A 239 -6.20 36.15 10.65
C GLN A 239 -7.25 36.08 9.52
N ILE A 240 -7.53 34.88 9.03
CA ILE A 240 -8.61 34.71 8.06
C ILE A 240 -9.88 35.12 8.74
N PRO A 241 -10.69 35.95 8.07
CA PRO A 241 -11.94 36.32 8.70
C PRO A 241 -12.66 35.09 9.14
N PRO A 242 -12.90 34.95 10.46
CA PRO A 242 -13.64 33.82 11.05
C PRO A 242 -14.89 33.45 10.25
N GLU A 243 -15.56 34.44 9.73
CA GLU A 243 -16.79 34.24 8.96
C GLU A 243 -16.49 33.61 7.57
N LEU A 244 -15.21 33.58 7.21
CA LEU A 244 -14.79 32.85 6.00
C LEU A 244 -14.42 31.38 6.25
N VAL A 245 -14.16 31.02 7.52
CA VAL A 245 -13.82 29.64 7.90
C VAL A 245 -15.02 28.81 8.33
N LEU A 246 -15.58 28.08 7.38
CA LEU A 246 -16.66 27.15 7.63
C LEU A 246 -16.17 25.90 8.38
N GLU A 247 -16.73 25.69 9.56
CA GLU A 247 -16.45 24.53 10.40
C GLU A 247 -17.71 23.69 10.61
N VAL A 248 -17.54 22.38 10.90
CA VAL A 248 -18.64 21.44 11.11
C VAL A 248 -18.49 20.76 12.47
N PRO A 249 -19.52 20.91 13.35
CA PRO A 249 -19.47 20.15 14.62
C PRO A 249 -19.74 18.68 14.38
N ILE A 250 -19.00 17.81 15.07
CA ILE A 250 -19.14 16.38 14.76
C ILE A 250 -20.07 15.66 15.74
N ARG A 251 -21.17 15.17 15.17
CA ARG A 251 -22.15 14.33 15.87
C ARG A 251 -22.36 12.98 15.13
N HIS A 252 -23.04 12.06 15.81
CA HIS A 252 -23.28 10.71 15.32
C HIS A 252 -24.78 10.52 15.18
N PRO A 253 -25.25 9.85 14.12
CA PRO A 253 -26.70 9.78 13.96
C PRO A 253 -27.38 8.86 14.99
N LYS A 254 -26.62 8.01 15.67
CA LYS A 254 -27.19 7.14 16.70
C LYS A 254 -26.70 7.46 18.11
N PHE A 255 -25.40 7.69 18.28
CA PHE A 255 -24.87 8.00 19.63
C PHE A 255 -25.00 9.48 20.00
N ASP A 256 -25.94 9.80 20.90
CA ASP A 256 -26.14 11.18 21.34
C ASP A 256 -24.96 11.69 22.17
N TRP A 257 -24.21 10.79 22.79
CA TRP A 257 -23.06 11.22 23.57
C TRP A 257 -21.88 11.77 22.72
N PHE A 258 -21.90 11.48 21.42
CA PHE A 258 -20.76 11.80 20.55
C PHE A 258 -20.42 13.30 20.52
N LYS A 259 -21.46 14.13 20.46
CA LYS A 259 -21.28 15.57 20.45
C LYS A 259 -20.56 16.07 21.70
N ASP A 260 -20.61 15.29 22.77
CA ASP A 260 -19.99 15.73 24.04
C ASP A 260 -18.45 15.60 24.02
N LEU A 261 -17.93 14.84 23.05
CA LEU A 261 -16.48 14.77 22.82
C LEU A 261 -15.93 16.15 22.42
N GLY A 262 -16.79 17.01 21.91
CA GLY A 262 -16.42 18.37 21.60
C GLY A 262 -15.57 18.52 20.34
N LEU A 263 -15.81 17.65 19.34
CA LEU A 263 -15.02 17.64 18.11
C LEU A 263 -15.66 18.47 17.00
N LYS A 264 -14.80 19.19 16.29
CA LYS A 264 -15.17 19.85 15.05
C LYS A 264 -14.03 19.69 14.05
N TRP A 265 -14.36 19.86 12.78
CA TRP A 265 -13.35 20.04 11.75
C TRP A 265 -13.76 21.15 10.78
N TYR A 266 -12.84 21.54 9.91
CA TYR A 266 -13.13 22.59 8.92
C TYR A 266 -13.54 21.94 7.60
N GLY A 267 -14.31 22.66 6.79
CA GLY A 267 -14.83 22.11 5.55
C GLY A 267 -13.87 22.17 4.35
N LEU A 268 -12.85 23.03 4.41
CA LEU A 268 -12.02 23.33 3.22
C LEU A 268 -10.57 22.86 3.39
N PRO A 269 -10.21 21.75 2.72
CA PRO A 269 -8.82 21.27 2.74
C PRO A 269 -8.07 22.00 1.67
N ALA A 270 -7.05 22.75 2.08
CA ALA A 270 -6.35 23.62 1.10
C ALA A 270 -4.86 23.54 1.26
N VAL A 271 -4.26 22.54 0.62
CA VAL A 271 -2.81 22.36 0.66
C VAL A 271 -2.13 23.59 0.12
N SER A 272 -1.28 24.20 0.96
CA SER A 272 -0.59 25.47 0.64
C SER A 272 0.95 25.46 0.67
N ASN A 273 1.57 24.30 0.91
CA ASN A 273 3.03 24.26 1.03
C ASN A 273 3.77 23.61 -0.16
N MET A 274 3.06 23.29 -1.23
CA MET A 274 3.69 22.64 -2.35
C MET A 274 4.18 23.64 -3.40
N LEU A 275 4.97 23.12 -4.34
CA LEU A 275 5.50 23.87 -5.46
C LEU A 275 4.89 23.37 -6.76
N LEU A 276 4.34 24.31 -7.54
CA LEU A 276 3.78 23.98 -8.87
C LEU A 276 4.86 24.26 -9.94
N GLU A 277 5.31 23.22 -10.65
CA GLU A 277 6.23 23.39 -11.77
C GLU A 277 5.49 23.31 -13.11
N ILE A 278 5.58 24.37 -13.91
CA ILE A 278 5.03 24.38 -15.26
C ILE A 278 6.07 24.92 -16.24
N GLY A 279 6.38 24.14 -17.26
CA GLY A 279 7.28 24.57 -18.32
C GLY A 279 8.61 25.03 -17.80
N GLY A 280 9.08 24.40 -16.73
CA GLY A 280 10.31 24.74 -16.08
C GLY A 280 10.21 25.87 -15.08
N LEU A 281 9.08 26.56 -15.09
CA LEU A 281 8.87 27.65 -14.12
C LEU A 281 8.38 27.08 -12.78
N GLU A 282 8.78 27.73 -11.69
CA GLU A 282 8.53 27.23 -10.36
C GLU A 282 7.68 28.22 -9.59
N PHE A 283 6.47 27.80 -9.26
CA PHE A 283 5.52 28.61 -8.49
C PHE A 283 5.50 28.07 -7.06
N SER A 284 6.27 28.73 -6.20
CA SER A 284 6.48 28.30 -4.84
C SER A 284 5.30 28.55 -3.91
N ALA A 285 4.37 29.43 -4.31
CA ALA A 285 3.16 29.68 -3.54
C ALA A 285 1.95 29.46 -4.48
N CYS A 286 1.23 28.37 -4.25
CA CYS A 286 0.18 27.93 -5.15
C CYS A 286 -0.92 27.16 -4.37
N PRO A 287 -1.50 27.78 -3.35
CA PRO A 287 -2.41 27.00 -2.52
C PRO A 287 -3.61 26.49 -3.36
N PHE A 288 -4.04 25.25 -3.16
CA PHE A 288 -5.16 24.69 -3.93
C PHE A 288 -6.09 23.96 -2.94
N SER A 289 -7.33 23.76 -3.37
CA SER A 289 -8.35 23.13 -2.57
C SER A 289 -9.32 22.38 -3.43
N GLY A 290 -9.86 21.28 -2.92
CA GLY A 290 -11.01 20.60 -3.48
C GLY A 290 -12.05 20.42 -2.39
N TRP A 291 -12.35 19.18 -2.05
CA TRP A 291 -13.11 18.89 -0.84
C TRP A 291 -12.62 17.57 -0.26
N TYR A 292 -12.97 17.35 0.99
CA TYR A 292 -12.52 16.18 1.75
C TYR A 292 -13.09 14.83 1.34
N MET A 293 -12.25 13.80 1.46
CA MET A 293 -12.72 12.42 1.51
C MET A 293 -12.82 12.13 3.00
N GLY A 294 -13.89 11.48 3.44
CA GLY A 294 -14.18 11.40 4.87
C GLY A 294 -13.03 10.85 5.72
N THR A 295 -12.41 9.77 5.23
CA THR A 295 -11.32 9.08 5.92
C THR A 295 -10.16 10.01 6.27
N GLU A 296 -9.91 11.03 5.45
CA GLU A 296 -8.87 11.99 5.74
C GLU A 296 -9.00 12.50 7.17
N ILE A 297 -10.23 12.87 7.55
CA ILE A 297 -10.46 13.42 8.88
C ILE A 297 -10.71 12.30 9.90
N GLY A 298 -11.59 11.39 9.55
CA GLY A 298 -12.06 10.41 10.55
C GLY A 298 -11.02 9.38 10.92
N VAL A 299 -10.23 8.97 9.93
CA VAL A 299 -9.21 7.96 10.16
C VAL A 299 -7.89 8.58 10.55
N ARG A 300 -7.39 9.49 9.72
CA ARG A 300 -6.06 10.05 9.93
C ARG A 300 -6.03 11.15 10.98
N ASP A 301 -6.76 12.23 10.72
CA ASP A 301 -6.67 13.43 11.53
C ASP A 301 -7.12 13.12 12.95
N TYR A 302 -8.15 12.29 13.06
CA TYR A 302 -8.71 11.94 14.35
C TYR A 302 -8.05 10.74 15.05
N CYS A 303 -7.57 9.75 14.29
CA CYS A 303 -7.17 8.49 14.96
C CYS A 303 -5.68 8.16 14.91
N ASP A 304 -4.95 8.83 14.03
CA ASP A 304 -3.50 8.67 14.10
C ASP A 304 -3.07 8.92 15.55
N ASN A 305 -2.16 8.09 16.04
CA ASN A 305 -1.65 8.25 17.39
CA ASN A 305 -1.65 8.24 17.40
C ASN A 305 -0.93 9.58 17.59
N SER A 306 -0.33 10.09 16.52
CA SER A 306 0.36 11.35 16.63
C SER A 306 -0.50 12.53 16.13
N ARG A 307 -1.80 12.31 16.00
CA ARG A 307 -2.69 13.42 15.74
C ARG A 307 -3.62 13.62 16.93
N TYR A 308 -4.94 13.72 16.70
CA TYR A 308 -5.87 13.94 17.83
C TYR A 308 -6.05 12.66 18.65
N ASN A 309 -5.71 11.53 18.03
CA ASN A 309 -5.58 10.25 18.73
C ASN A 309 -6.77 9.95 19.66
N ILE A 310 -7.99 9.88 19.10
CA ILE A 310 -9.19 9.83 19.89
C ILE A 310 -9.80 8.43 20.08
N LEU A 311 -9.20 7.40 19.49
CA LEU A 311 -9.83 6.07 19.48
C LEU A 311 -10.23 5.57 20.90
N GLU A 312 -9.27 5.63 21.84
CA GLU A 312 -9.52 5.21 23.22
C GLU A 312 -10.76 5.89 23.86
N GLU A 313 -10.77 7.24 23.85
CA GLU A 313 -11.90 8.01 24.36
C GLU A 313 -13.21 7.51 23.76
N VAL A 314 -13.24 7.32 22.44
CA VAL A 314 -14.47 6.91 21.76
C VAL A 314 -14.84 5.48 22.15
N ALA A 315 -13.87 4.59 22.20
CA ALA A 315 -14.11 3.18 22.49
C ALA A 315 -14.72 3.08 23.89
N LYS A 316 -14.15 3.81 24.83
CA LYS A 316 -14.66 3.89 26.20
C LYS A 316 -16.14 4.28 26.26
N LYS A 317 -16.52 5.37 25.60
CA LYS A 317 -17.92 5.81 25.55
C LYS A 317 -18.84 4.77 24.85
N MET A 318 -18.27 3.90 24.03
CA MET A 318 -19.05 2.86 23.38
C MET A 318 -19.13 1.62 24.28
N ASP A 319 -18.32 1.62 25.35
CA ASP A 319 -18.14 0.50 26.28
C ASP A 319 -17.82 -0.86 25.63
N LEU A 320 -16.78 -0.85 24.80
CA LEU A 320 -16.31 -2.05 24.13
C LEU A 320 -15.30 -2.73 25.02
N ASP A 321 -14.96 -3.97 24.70
CA ASP A 321 -13.98 -4.70 25.49
C ASP A 321 -12.59 -4.32 25.02
N MET A 322 -11.91 -3.49 25.80
CA MET A 322 -10.63 -2.95 25.41
C MET A 322 -9.49 -3.73 26.07
N ARG A 323 -9.82 -4.87 26.65
CA ARG A 323 -8.79 -5.69 27.31
C ARG A 323 -7.95 -6.46 26.30
N LYS A 324 -8.50 -6.69 25.11
CA LYS A 324 -7.83 -7.51 24.09
C LYS A 324 -7.95 -6.89 22.70
N THR A 325 -6.89 -6.92 21.92
CA THR A 325 -6.96 -6.37 20.56
C THR A 325 -7.98 -7.14 19.70
N SER A 326 -8.06 -8.45 19.94
CA SER A 326 -8.87 -9.36 19.11
C SER A 326 -10.39 -9.18 19.25
N SER A 327 -10.83 -8.32 20.16
CA SER A 327 -12.21 -7.90 20.17
C SER A 327 -12.46 -6.91 19.04
N LEU A 328 -11.37 -6.45 18.41
CA LEU A 328 -11.45 -5.41 17.38
C LEU A 328 -12.15 -4.12 17.83
N TRP A 329 -11.93 -3.72 19.08
CA TRP A 329 -12.55 -2.48 19.59
C TRP A 329 -12.07 -1.23 18.82
N LYS A 330 -10.79 -1.21 18.44
CA LYS A 330 -10.23 -0.14 17.63
C LYS A 330 -10.95 -0.03 16.28
N ASP A 331 -11.20 -1.16 15.66
CA ASP A 331 -11.88 -1.20 14.35
C ASP A 331 -13.33 -0.74 14.44
N GLN A 332 -14.02 -1.12 15.53
CA GLN A 332 -15.42 -0.76 15.68
C GLN A 332 -15.54 0.72 15.87
N ALA A 333 -14.75 1.25 16.79
CA ALA A 333 -14.72 2.68 17.08
C ALA A 333 -14.30 3.49 15.84
N LEU A 334 -13.33 2.98 15.07
CA LEU A 334 -12.90 3.67 13.89
C LEU A 334 -14.07 3.87 12.93
N VAL A 335 -14.82 2.81 12.70
CA VAL A 335 -15.94 2.88 11.75
C VAL A 335 -16.94 3.95 12.24
N GLU A 336 -17.22 3.97 13.55
CA GLU A 336 -18.26 4.87 14.05
C GLU A 336 -17.84 6.33 13.92
N ILE A 337 -16.57 6.61 14.18
CA ILE A 337 -16.01 7.95 14.07
C ILE A 337 -16.15 8.45 12.67
N ASN A 338 -15.94 7.55 11.72
CA ASN A 338 -16.05 7.87 10.30
C ASN A 338 -17.48 8.03 9.80
N ILE A 339 -18.39 7.28 10.40
CA ILE A 339 -19.80 7.47 10.12
C ILE A 339 -20.24 8.87 10.54
N ALA A 340 -19.80 9.27 11.72
CA ALA A 340 -20.14 10.56 12.32
C ALA A 340 -19.64 11.72 11.49
N VAL A 341 -18.41 11.60 10.97
CA VAL A 341 -17.82 12.63 10.11
C VAL A 341 -18.67 12.87 8.87
N LEU A 342 -18.94 11.79 8.15
CA LEU A 342 -19.78 11.89 6.93
C LEU A 342 -21.21 12.43 7.21
N TYR A 343 -21.85 11.94 8.27
CA TYR A 343 -23.19 12.33 8.61
C TYR A 343 -23.25 13.83 8.96
N SER A 344 -22.29 14.28 9.75
CA SER A 344 -22.17 15.67 10.16
C SER A 344 -21.99 16.67 9.01
N PHE A 345 -21.08 16.37 8.07
CA PHE A 345 -20.84 17.20 6.86
C PHE A 345 -22.07 17.19 5.98
N GLN A 346 -22.62 16.00 5.75
CA GLN A 346 -23.83 15.87 4.94
C GLN A 346 -24.99 16.67 5.55
N SER A 347 -25.15 16.62 6.87
CA SER A 347 -26.30 17.26 7.50
C SER A 347 -26.21 18.80 7.48
N ASP A 348 -24.98 19.32 7.56
CA ASP A 348 -24.74 20.75 7.42
C ASP A 348 -24.56 21.15 5.94
N LYS A 349 -24.84 20.24 4.99
CA LYS A 349 -24.64 20.51 3.56
C LYS A 349 -23.25 21.04 3.17
N VAL A 350 -22.21 20.43 3.72
CA VAL A 350 -20.85 20.74 3.35
C VAL A 350 -20.38 19.55 2.51
N THR A 351 -19.90 19.82 1.29
CA THR A 351 -19.41 18.75 0.43
C THR A 351 -18.36 17.86 1.12
N ILE A 352 -18.54 16.56 1.01
CA ILE A 352 -17.62 15.54 1.50
C ILE A 352 -17.82 14.32 0.59
N VAL A 353 -16.79 13.51 0.37
CA VAL A 353 -16.97 12.27 -0.38
C VAL A 353 -16.55 11.08 0.52
N ASP A 354 -17.34 10.01 0.55
CA ASP A 354 -16.86 8.81 1.26
C ASP A 354 -15.87 8.03 0.41
N HIS A 355 -15.07 7.20 1.08
CA HIS A 355 -14.01 6.43 0.43
C HIS A 355 -14.49 5.43 -0.63
N HIS A 356 -15.72 4.93 -0.50
CA HIS A 356 -16.23 4.02 -1.54
C HIS A 356 -16.51 4.78 -2.82
N SER A 357 -17.28 5.85 -2.67
CA SER A 357 -17.63 6.70 -3.79
C SER A 357 -16.38 7.24 -4.48
N ALA A 358 -15.42 7.71 -3.69
CA ALA A 358 -14.23 8.34 -4.26
C ALA A 358 -13.37 7.33 -5.04
N THR A 359 -13.23 6.12 -4.50
CA THR A 359 -12.35 5.14 -5.15
C THR A 359 -13.04 4.59 -6.41
N GLU A 360 -14.37 4.43 -6.41
CA GLU A 360 -14.96 3.95 -7.65
CA GLU A 360 -15.15 4.04 -7.58
C GLU A 360 -14.96 5.05 -8.70
N SER A 361 -15.05 6.32 -8.31
CA SER A 361 -14.86 7.40 -9.29
CA SER A 361 -14.83 7.43 -9.25
C SER A 361 -13.43 7.35 -9.84
N PHE A 362 -12.45 7.08 -8.98
CA PHE A 362 -11.07 7.04 -9.46
C PHE A 362 -10.84 5.92 -10.47
N ILE A 363 -11.39 4.75 -10.21
CA ILE A 363 -11.25 3.64 -11.14
C ILE A 363 -11.82 4.03 -12.52
N LYS A 364 -13.00 4.66 -12.54
CA LYS A 364 -13.57 5.18 -13.81
C LYS A 364 -12.62 6.18 -14.48
N HIS A 365 -12.09 7.10 -13.69
CA HIS A 365 -11.14 8.04 -14.23
C HIS A 365 -9.92 7.34 -14.85
N MET A 366 -9.40 6.33 -14.16
CA MET A 366 -8.26 5.59 -14.67
C MET A 366 -8.61 5.01 -16.04
N GLU A 367 -9.79 4.39 -16.12
CA GLU A 367 -10.20 3.78 -17.38
C GLU A 367 -10.34 4.85 -18.48
N ASN A 368 -10.94 5.98 -18.17
CA ASN A 368 -10.96 7.10 -19.14
C ASN A 368 -9.54 7.51 -19.57
N GLU A 369 -8.66 7.64 -18.60
CA GLU A 369 -7.32 8.17 -18.85
C GLU A 369 -6.52 7.16 -19.66
N TYR A 370 -6.67 5.88 -19.30
CA TYR A 370 -6.04 4.85 -20.11
C TYR A 370 -6.53 4.90 -21.56
N ARG A 371 -7.82 5.08 -21.74
CA ARG A 371 -8.47 5.16 -23.04
C ARG A 371 -8.08 6.37 -23.89
N CYS A 372 -8.08 7.55 -23.28
CA CYS A 372 -7.87 8.78 -24.03
CA CYS A 372 -7.88 8.80 -24.02
C CYS A 372 -6.45 9.31 -23.97
N ARG A 373 -5.66 8.80 -23.02
CA ARG A 373 -4.31 9.37 -22.81
C ARG A 373 -3.20 8.32 -22.85
N GLY A 374 -3.55 7.06 -22.64
CA GLY A 374 -2.51 6.02 -22.62
C GLY A 374 -1.99 5.67 -21.23
N GLY A 375 -2.59 6.25 -20.20
CA GLY A 375 -2.25 5.90 -18.84
C GLY A 375 -2.68 6.92 -17.83
N CYS A 376 -2.37 6.62 -16.57
CA CYS A 376 -2.68 7.47 -15.47
C CYS A 376 -1.69 7.14 -14.34
N PRO A 377 -0.71 8.02 -14.09
CA PRO A 377 0.20 7.67 -13.01
C PRO A 377 -0.54 7.66 -11.67
N ALA A 378 -0.29 6.63 -10.88
CA ALA A 378 -0.96 6.47 -9.58
C ALA A 378 -0.03 5.80 -8.59
N ASP A 379 0.00 6.37 -7.37
CA ASP A 379 0.71 5.82 -6.22
C ASP A 379 -0.26 4.99 -5.36
N TRP A 380 -0.22 3.66 -5.50
CA TRP A 380 -1.16 2.76 -4.83
C TRP A 380 -1.14 3.01 -3.32
N VAL A 381 0.07 3.20 -2.76
CA VAL A 381 0.22 3.40 -1.31
C VAL A 381 -0.64 4.55 -0.78
N TRP A 382 -0.78 5.59 -1.61
CA TRP A 382 -1.55 6.77 -1.21
C TRP A 382 -3.01 6.68 -1.67
N ILE A 383 -3.28 5.98 -2.78
CA ILE A 383 -4.60 5.99 -3.34
C ILE A 383 -5.55 5.08 -2.56
N VAL A 384 -5.05 3.95 -2.07
CA VAL A 384 -5.90 3.02 -1.31
C VAL A 384 -6.20 3.66 0.06
N PRO A 385 -7.50 3.77 0.43
CA PRO A 385 -7.83 4.46 1.70
C PRO A 385 -7.26 3.76 2.93
N PRO A 386 -7.04 4.51 4.03
CA PRO A 386 -6.44 4.04 5.28
C PRO A 386 -7.37 3.25 6.18
N MET A 387 -8.62 3.03 5.76
CA MET A 387 -9.46 2.00 6.36
C MET A 387 -10.13 1.17 5.25
N SER A 388 -10.54 -0.06 5.59
CA SER A 388 -11.34 -0.91 4.67
C SER A 388 -10.74 -1.05 3.26
N GLY A 389 -9.41 -1.04 3.18
CA GLY A 389 -8.76 -1.10 1.90
C GLY A 389 -9.27 -2.05 0.82
N SER A 390 -9.38 -3.35 1.14
CA SER A 390 -9.72 -4.33 0.08
C SER A 390 -11.22 -4.35 -0.30
N ILE A 391 -12.06 -3.69 0.47
CA ILE A 391 -13.43 -3.56 0.07
C ILE A 391 -13.67 -2.30 -0.78
N THR A 392 -12.58 -1.57 -1.07
CA THR A 392 -12.57 -0.54 -2.12
C THR A 392 -11.92 -1.12 -3.36
N PRO A 393 -12.38 -0.68 -4.54
CA PRO A 393 -11.92 -1.28 -5.81
C PRO A 393 -10.46 -1.00 -6.13
N VAL A 394 -9.95 0.12 -5.64
CA VAL A 394 -8.53 0.48 -5.97
C VAL A 394 -7.50 -0.53 -5.35
N PHE A 395 -7.83 -1.18 -4.25
CA PHE A 395 -6.96 -2.18 -3.62
C PHE A 395 -6.59 -3.26 -4.63
N HIS A 396 -7.56 -3.61 -5.47
CA HIS A 396 -7.44 -4.72 -6.42
C HIS A 396 -6.85 -4.29 -7.77
N GLN A 397 -6.62 -2.99 -7.92
CA GLN A 397 -6.09 -2.43 -9.14
C GLN A 397 -4.58 -2.20 -9.13
N GLU A 398 -3.89 -2.87 -10.03
CA GLU A 398 -2.49 -2.56 -10.26
C GLU A 398 -2.36 -1.15 -10.84
N MET A 399 -1.39 -0.41 -10.34
CA MET A 399 -1.15 0.98 -10.72
C MET A 399 0.31 1.19 -10.95
N LEU A 400 0.64 2.07 -11.88
CA LEU A 400 2.03 2.42 -12.14
C LEU A 400 2.25 3.85 -11.70
N ASN A 401 3.33 4.05 -10.95
CA ASN A 401 3.71 5.36 -10.49
C ASN A 401 4.93 5.88 -11.24
N TYR A 402 4.77 7.06 -11.82
CA TYR A 402 5.83 7.78 -12.51
C TYR A 402 5.53 9.28 -12.49
N ARG A 403 6.53 10.08 -12.80
CA ARG A 403 6.43 11.51 -12.70
C ARG A 403 6.29 12.20 -14.06
N LEU A 404 5.18 12.90 -14.23
CA LEU A 404 4.91 13.70 -15.41
C LEU A 404 4.88 15.18 -15.00
N THR A 405 5.35 16.06 -15.89
CA THR A 405 5.15 17.51 -15.70
C THR A 405 4.07 18.03 -16.66
N PRO A 406 3.39 19.13 -16.29
CA PRO A 406 3.48 19.94 -15.08
C PRO A 406 3.25 19.14 -13.80
N SER A 407 3.78 19.59 -12.66
CA SER A 407 3.63 18.82 -11.43
C SER A 407 3.54 19.66 -10.16
N PHE A 408 2.91 19.06 -9.14
CA PHE A 408 3.03 19.54 -7.77
C PHE A 408 4.16 18.76 -7.10
N GLU A 409 5.03 19.50 -6.43
CA GLU A 409 6.20 18.90 -5.84
C GLU A 409 6.25 19.31 -4.38
N TYR A 410 6.86 18.47 -3.56
CA TYR A 410 7.19 18.90 -2.20
C TYR A 410 8.35 19.91 -2.26
N GLN A 411 8.49 20.72 -1.22
CA GLN A 411 9.56 21.70 -1.14
C GLN A 411 9.81 21.92 0.35
N PRO A 412 11.03 22.37 0.72
CA PRO A 412 11.36 22.50 2.14
C PRO A 412 10.51 23.55 2.85
N ASP A 413 10.24 23.31 4.13
CA ASP A 413 9.59 24.31 4.95
C ASP A 413 10.46 25.54 5.04
N PRO A 414 9.84 26.70 4.82
CA PRO A 414 10.62 27.90 4.55
C PRO A 414 11.44 28.40 5.76
N TRP A 415 11.07 28.02 6.97
CA TRP A 415 11.82 28.47 8.15
C TRP A 415 13.18 27.79 8.27
N ASN A 416 13.33 26.64 7.63
CA ASN A 416 14.61 25.94 7.58
C ASN A 416 15.60 26.66 6.64
N THR A 417 15.07 27.53 5.79
CA THR A 417 15.86 28.08 4.69
C THR A 417 15.82 29.61 4.59
N HIS A 418 14.79 30.23 5.16
CA HIS A 418 14.63 31.67 5.04
C HIS A 418 15.74 32.43 5.70
N VAL A 419 16.36 33.35 4.96
CA VAL A 419 17.36 34.23 5.58
C VAL A 419 16.70 35.50 6.15
N TRP A 420 16.39 35.43 7.44
CA TRP A 420 15.72 36.50 8.15
C TRP A 420 16.44 37.83 8.08
N LYS A 421 15.67 38.89 7.87
CA LYS A 421 16.24 40.23 7.77
C LYS A 421 16.15 41.01 9.10
N GLY A 422 15.08 40.77 9.86
CA GLY A 422 14.93 41.41 11.16
C GLY A 422 14.71 42.91 11.07
N CYS B 1 25.45 2.13 -6.10
CA CYS B 1 24.42 2.05 -5.05
C CYS B 1 24.88 2.65 -3.72
N PRO B 2 24.01 3.43 -3.07
CA PRO B 2 24.41 4.05 -1.79
C PRO B 2 24.60 3.01 -0.67
N ARG B 3 25.72 3.11 0.04
CA ARG B 3 26.01 2.24 1.19
C ARG B 3 24.89 2.21 2.27
N PHE B 4 24.23 3.36 2.48
CA PHE B 4 23.21 3.46 3.53
C PHE B 4 21.90 4.00 2.96
N LEU B 5 20.80 3.39 3.37
CA LEU B 5 19.46 3.87 3.04
C LEU B 5 18.70 4.04 4.35
N LYS B 6 18.09 5.20 4.55
CA LYS B 6 17.28 5.42 5.74
C LYS B 6 15.79 5.14 5.47
N VAL B 7 15.11 4.60 6.50
CA VAL B 7 13.66 4.47 6.52
C VAL B 7 13.16 5.12 7.81
N LYS B 8 12.05 5.82 7.70
CA LYS B 8 11.47 6.54 8.82
C LYS B 8 10.08 5.97 9.15
N ASN B 9 9.78 5.87 10.43
CA ASN B 9 8.41 5.63 10.89
C ASN B 9 7.79 6.98 11.26
N TRP B 10 6.69 7.34 10.60
CA TRP B 10 6.08 8.68 10.74
C TRP B 10 5.18 8.89 11.96
N GLU B 11 5.00 7.82 12.71
N GLU B 11 5.01 7.82 12.74
CA GLU B 11 4.25 7.82 13.95
CA GLU B 11 4.19 7.87 13.95
C GLU B 11 5.24 8.19 15.05
C GLU B 11 5.12 7.89 15.20
N THR B 12 6.40 7.53 15.04
CA THR B 12 7.40 7.62 16.12
C THR B 12 8.66 8.45 15.84
N ASP B 13 8.84 8.85 14.59
CA ASP B 13 10.08 9.50 14.11
C ASP B 13 11.36 8.64 14.24
N VAL B 14 11.21 7.34 14.52
CA VAL B 14 12.36 6.42 14.50
C VAL B 14 12.89 6.23 13.09
N VAL B 15 14.20 6.39 12.93
CA VAL B 15 14.84 6.19 11.63
C VAL B 15 15.73 4.96 11.70
N LEU B 16 15.63 4.10 10.68
CA LEU B 16 16.50 2.93 10.61
C LEU B 16 17.39 3.02 9.38
N THR B 17 18.52 2.34 9.43
CA THR B 17 19.48 2.43 8.32
C THR B 17 19.67 1.05 7.70
N ASP B 18 19.44 0.93 6.40
CA ASP B 18 19.52 -0.34 5.74
C ASP B 18 20.83 -0.48 4.98
N THR B 19 21.57 -1.56 5.25
CA THR B 19 22.76 -1.93 4.47
C THR B 19 22.55 -3.27 3.81
N LEU B 20 21.69 -4.07 4.41
CA LEU B 20 21.38 -5.39 3.87
C LEU B 20 21.04 -5.36 2.37
N HIS B 21 20.42 -4.28 1.89
CA HIS B 21 20.00 -4.20 0.47
C HIS B 21 21.17 -4.31 -0.51
N LEU B 22 22.39 -4.14 -0.02
CA LEU B 22 23.59 -4.24 -0.89
C LEU B 22 23.85 -5.69 -1.29
N LYS B 23 23.29 -6.63 -0.51
CA LYS B 23 23.44 -8.05 -0.84
C LYS B 23 22.28 -8.49 -1.70
N SER B 24 21.44 -7.55 -2.11
CA SER B 24 20.35 -7.86 -3.01
C SER B 24 20.93 -8.04 -4.40
N THR B 25 20.42 -9.00 -5.14
CA THR B 25 21.07 -9.37 -6.38
C THR B 25 20.13 -9.35 -7.58
N LEU B 26 18.96 -9.95 -7.42
CA LEU B 26 18.00 -9.95 -8.53
C LEU B 26 17.15 -8.68 -8.53
N GLU B 27 16.22 -8.60 -9.49
CA GLU B 27 15.55 -7.34 -9.80
C GLU B 27 14.15 -7.21 -9.19
N THR B 28 13.59 -6.02 -9.29
CA THR B 28 12.32 -5.67 -8.63
C THR B 28 11.13 -5.54 -9.59
N GLY B 29 11.40 -5.19 -10.85
CA GLY B 29 10.34 -4.80 -11.79
C GLY B 29 10.22 -3.28 -11.84
N CYS B 30 10.93 -2.62 -10.92
CA CYS B 30 11.02 -1.16 -10.91
C CYS B 30 12.21 -0.71 -11.73
N THR B 31 12.13 0.52 -12.25
CA THR B 31 13.27 1.17 -12.90
C THR B 31 13.50 2.54 -12.27
N GLU B 32 14.43 3.32 -12.84
CA GLU B 32 14.67 4.70 -12.42
C GLU B 32 13.42 5.57 -12.68
N HIS B 33 12.59 5.15 -13.64
CA HIS B 33 11.50 5.97 -14.18
C HIS B 33 10.11 5.44 -13.85
N ILE B 34 10.05 4.21 -13.36
CA ILE B 34 8.77 3.57 -13.06
C ILE B 34 8.80 2.76 -11.76
N CYS B 35 7.80 2.99 -10.91
CA CYS B 35 7.62 2.17 -9.72
C CYS B 35 6.46 1.20 -9.94
N MET B 36 6.82 -0.08 -9.92
CA MET B 36 5.86 -1.16 -10.08
C MET B 36 5.54 -1.83 -8.74
N GLY B 37 5.58 -1.05 -7.66
CA GLY B 37 5.38 -1.57 -6.31
C GLY B 37 4.07 -2.32 -6.07
N SER B 38 3.02 -1.96 -6.82
CA SER B 38 1.69 -2.54 -6.62
C SER B 38 1.29 -3.63 -7.64
N ILE B 39 2.25 -4.03 -8.47
CA ILE B 39 2.10 -5.10 -9.47
C ILE B 39 2.27 -6.46 -8.77
N MET B 40 1.28 -7.35 -8.92
CA MET B 40 1.33 -8.67 -8.26
C MET B 40 2.44 -9.62 -8.78
N LEU B 41 2.45 -9.87 -10.09
CA LEU B 41 3.44 -10.75 -10.73
C LEU B 41 4.26 -10.02 -11.83
N PRO B 42 5.30 -9.26 -11.44
CA PRO B 42 6.10 -8.56 -12.46
C PRO B 42 7.37 -9.34 -12.86
N VAL B 52 16.15 -24.73 -17.17
CA VAL B 52 16.91 -25.18 -16.01
C VAL B 52 18.32 -24.52 -16.06
N ARG B 53 19.03 -24.45 -14.93
CA ARG B 53 20.28 -23.67 -14.84
C ARG B 53 21.57 -24.34 -15.38
N THR B 54 22.55 -23.51 -15.74
CA THR B 54 23.84 -23.94 -16.28
C THR B 54 24.91 -24.09 -15.19
N LYS B 55 25.82 -25.07 -15.37
CA LYS B 55 26.96 -25.29 -14.48
C LYS B 55 27.63 -23.98 -14.08
N ASP B 56 27.92 -23.18 -15.10
CA ASP B 56 28.49 -21.85 -14.94
C ASP B 56 27.62 -20.97 -14.05
N GLN B 57 26.33 -20.96 -14.32
CA GLN B 57 25.40 -20.16 -13.53
C GLN B 57 25.29 -20.65 -12.08
N LEU B 58 25.42 -21.95 -11.89
CA LEU B 58 25.22 -22.58 -10.57
C LEU B 58 26.37 -22.47 -9.55
N PHE B 59 27.64 -22.58 -9.96
CA PHE B 59 28.80 -22.47 -9.06
CA PHE B 59 28.67 -22.53 -8.93
C PHE B 59 28.73 -21.24 -8.10
N PRO B 60 28.56 -20.05 -8.72
CA PRO B 60 28.56 -18.84 -7.85
C PRO B 60 27.36 -18.78 -6.91
N LEU B 61 26.22 -19.31 -7.35
CA LEU B 61 25.02 -19.28 -6.54
C LEU B 61 25.24 -20.26 -5.36
N ALA B 62 25.91 -21.38 -5.64
CA ALA B 62 26.22 -22.32 -4.60
C ALA B 62 27.15 -21.65 -3.61
N LYS B 63 28.15 -20.98 -4.16
CA LYS B 63 29.21 -20.36 -3.36
C LYS B 63 28.75 -19.25 -2.40
N GLU B 64 27.89 -18.39 -2.94
CA GLU B 64 27.28 -17.29 -2.20
C GLU B 64 26.50 -17.88 -1.02
N PHE B 65 25.67 -18.88 -1.33
CA PHE B 65 24.90 -19.53 -0.29
C PHE B 65 25.79 -20.14 0.83
N LEU B 66 26.77 -20.96 0.45
CA LEU B 66 27.57 -21.69 1.41
C LEU B 66 28.46 -20.73 2.17
N ASP B 67 28.86 -19.62 1.54
CA ASP B 67 29.55 -18.58 2.35
C ASP B 67 28.59 -18.04 3.42
N GLN B 68 27.33 -17.83 3.05
CA GLN B 68 26.35 -17.33 4.03
C GLN B 68 26.11 -18.34 5.15
N TYR B 69 25.91 -19.60 4.75
CA TYR B 69 25.70 -20.67 5.72
C TYR B 69 26.92 -20.75 6.66
N TYR B 70 28.12 -20.79 6.07
CA TYR B 70 29.32 -20.97 6.91
C TYR B 70 29.58 -19.78 7.82
N SER B 71 29.32 -18.60 7.29
CA SER B 71 29.38 -17.38 8.08
C SER B 71 28.39 -17.42 9.26
N SER B 72 27.16 -17.87 9.00
CA SER B 72 26.17 -17.89 10.06
C SER B 72 26.54 -18.85 11.19
N ILE B 73 27.25 -19.94 10.86
CA ILE B 73 27.65 -20.91 11.90
C ILE B 73 29.03 -20.57 12.49
N LYS B 74 29.52 -19.36 12.21
CA LYS B 74 30.83 -18.91 12.72
C LYS B 74 31.97 -19.87 12.34
N ARG B 75 31.93 -20.39 11.12
CA ARG B 75 33.01 -21.25 10.63
C ARG B 75 33.50 -20.75 9.28
N PHE B 76 33.39 -19.45 9.07
CA PHE B 76 33.73 -18.90 7.77
C PHE B 76 35.23 -18.99 7.60
N GLY B 77 35.63 -19.46 6.41
CA GLY B 77 37.02 -19.58 6.05
C GLY B 77 37.69 -20.83 6.59
N SER B 78 36.93 -21.66 7.30
CA SER B 78 37.49 -22.86 7.91
C SER B 78 37.80 -23.97 6.91
N LYS B 79 38.65 -24.91 7.31
CA LYS B 79 38.86 -26.08 6.47
C LYS B 79 37.49 -26.71 6.12
N ALA B 80 36.61 -26.80 7.09
CA ALA B 80 35.29 -27.42 6.83
C ALA B 80 34.55 -26.65 5.73
N HIS B 81 34.60 -25.33 5.82
CA HIS B 81 34.06 -24.45 4.81
C HIS B 81 34.72 -24.68 3.48
N MET B 82 36.04 -24.71 3.46
CA MET B 82 36.74 -24.84 2.18
C MET B 82 36.55 -26.21 1.52
N ASP B 83 36.61 -27.28 2.33
CA ASP B 83 36.32 -28.65 1.83
C ASP B 83 34.94 -28.72 1.16
N ARG B 84 33.98 -28.08 1.82
CA ARG B 84 32.59 -28.14 1.37
C ARG B 84 32.43 -27.42 0.02
N LEU B 85 33.03 -26.23 -0.11
CA LEU B 85 33.09 -25.54 -1.41
C LEU B 85 33.69 -26.46 -2.49
N GLU B 86 34.85 -27.05 -2.17
CA GLU B 86 35.54 -27.96 -3.10
CA GLU B 86 35.50 -27.92 -3.15
C GLU B 86 34.60 -29.10 -3.53
N GLU B 87 34.02 -29.74 -2.51
CA GLU B 87 33.11 -30.85 -2.74
C GLU B 87 31.93 -30.49 -3.69
N VAL B 88 31.32 -29.33 -3.47
CA VAL B 88 30.19 -28.89 -4.28
C VAL B 88 30.63 -28.57 -5.70
N ASN B 89 31.76 -27.91 -5.82
CA ASN B 89 32.31 -27.57 -7.11
C ASN B 89 32.55 -28.84 -7.92
N LYS B 90 33.13 -29.84 -7.27
CA LYS B 90 33.40 -31.11 -7.95
C LYS B 90 32.09 -31.78 -8.34
N GLU B 91 31.09 -31.69 -7.46
CA GLU B 91 29.81 -32.32 -7.69
C GLU B 91 29.12 -31.67 -8.92
N ILE B 92 29.11 -30.35 -8.95
CA ILE B 92 28.50 -29.65 -10.05
C ILE B 92 29.21 -29.99 -11.38
N GLU B 93 30.55 -29.90 -11.43
CA GLU B 93 31.27 -30.24 -12.65
C GLU B 93 30.97 -31.65 -13.11
N SER B 94 30.93 -32.58 -12.18
CA SER B 94 30.72 -33.98 -12.54
C SER B 94 29.24 -34.35 -12.78
N THR B 95 28.32 -33.88 -11.95
CA THR B 95 26.91 -34.28 -12.08
C THR B 95 25.95 -33.20 -12.64
N SER B 96 26.44 -31.98 -12.80
CA SER B 96 25.65 -30.83 -13.30
C SER B 96 24.79 -30.14 -12.22
N THR B 97 24.62 -30.77 -11.07
CA THR B 97 23.87 -30.20 -9.98
C THR B 97 24.65 -30.47 -8.70
N TYR B 98 24.00 -30.36 -7.55
CA TYR B 98 24.62 -30.84 -6.32
C TYR B 98 23.52 -31.09 -5.32
N GLN B 99 23.84 -31.77 -4.22
CA GLN B 99 22.90 -32.01 -3.14
C GLN B 99 23.27 -31.21 -1.90
N LEU B 100 22.28 -30.60 -1.25
CA LEU B 100 22.48 -29.89 0.02
C LEU B 100 22.61 -30.84 1.19
N LYS B 101 23.47 -30.53 2.17
CA LYS B 101 23.45 -31.28 3.42
C LYS B 101 22.19 -30.92 4.20
N ASP B 102 21.78 -31.78 5.14
CA ASP B 102 20.49 -31.55 5.85
C ASP B 102 20.54 -30.27 6.60
N THR B 103 21.69 -29.94 7.22
CA THR B 103 21.78 -28.72 7.96
C THR B 103 21.59 -27.50 7.06
N GLU B 104 22.10 -27.59 5.83
CA GLU B 104 22.01 -26.52 4.82
C GLU B 104 20.60 -26.35 4.26
N LEU B 105 19.90 -27.47 4.11
CA LEU B 105 18.51 -27.42 3.65
C LEU B 105 17.68 -26.65 4.71
N ILE B 106 17.88 -26.99 5.99
CA ILE B 106 17.12 -26.38 7.05
C ILE B 106 17.35 -24.89 7.14
N TYR B 107 18.63 -24.51 7.12
CA TYR B 107 19.07 -23.11 7.18
C TYR B 107 18.49 -22.39 5.95
N GLY B 108 18.58 -23.05 4.81
CA GLY B 108 18.04 -22.52 3.55
C GLY B 108 16.56 -22.14 3.66
N ALA B 109 15.73 -23.11 4.08
CA ALA B 109 14.28 -22.95 4.16
C ALA B 109 13.91 -21.85 5.17
N LYS B 110 14.63 -21.81 6.30
CA LYS B 110 14.34 -20.82 7.30
C LYS B 110 14.61 -19.43 6.71
N HIS B 111 15.65 -19.31 5.91
CA HIS B 111 16.01 -18.02 5.33
C HIS B 111 15.17 -17.56 4.19
N ALA B 112 14.63 -18.50 3.43
CA ALA B 112 13.65 -18.14 2.42
C ALA B 112 12.48 -17.44 3.13
N TRP B 113 12.09 -17.96 4.30
CA TRP B 113 11.03 -17.34 5.07
C TRP B 113 11.50 -15.98 5.65
N ARG B 114 12.66 -15.99 6.28
CA ARG B 114 13.23 -14.73 6.75
C ARG B 114 13.27 -13.61 5.71
N ASN B 115 13.62 -14.00 4.46
CA ASN B 115 13.71 -13.07 3.31
C ASN B 115 12.39 -12.79 2.55
N ALA B 116 11.28 -13.36 3.01
CA ALA B 116 10.01 -13.23 2.28
C ALA B 116 9.35 -11.86 2.54
N SER B 117 9.57 -10.95 1.61
CA SER B 117 9.21 -9.55 1.86
C SER B 117 7.68 -9.32 2.04
N ARG B 118 6.88 -10.27 1.58
CA ARG B 118 5.44 -10.12 1.68
C ARG B 118 4.84 -10.79 2.91
N CYS B 119 5.66 -11.45 3.74
CA CYS B 119 5.16 -12.16 4.94
C CYS B 119 5.25 -11.31 6.20
N VAL B 120 4.10 -11.00 6.81
CA VAL B 120 4.05 -10.29 8.06
C VAL B 120 4.36 -11.17 9.28
N GLY B 121 4.33 -12.49 9.12
CA GLY B 121 4.58 -13.41 10.24
C GLY B 121 6.04 -13.76 10.54
N ARG B 122 6.98 -12.99 10.03
CA ARG B 122 8.37 -13.47 10.03
C ARG B 122 9.09 -13.38 11.40
N ILE B 123 8.47 -12.79 12.40
CA ILE B 123 9.02 -12.87 13.74
C ILE B 123 9.23 -14.35 14.12
N GLN B 124 8.45 -15.23 13.51
CA GLN B 124 8.50 -16.67 13.76
C GLN B 124 9.60 -17.44 12.99
N TRP B 125 10.35 -16.74 12.13
CA TRP B 125 11.10 -17.43 11.05
C TRP B 125 12.06 -18.55 11.52
N SER B 126 12.67 -18.38 12.68
CA SER B 126 13.62 -19.34 13.20
C SER B 126 12.94 -20.57 13.82
N LYS B 127 11.63 -20.53 14.01
CA LYS B 127 10.89 -21.68 14.54
C LYS B 127 10.11 -22.29 13.38
N LEU B 128 10.75 -23.19 12.67
CA LEU B 128 10.17 -23.81 11.52
C LEU B 128 10.59 -25.26 11.52
N GLN B 129 9.62 -26.16 11.47
CA GLN B 129 9.88 -27.58 11.30
C GLN B 129 10.10 -27.95 9.82
N VAL B 130 11.30 -28.42 9.53
CA VAL B 130 11.63 -28.78 8.16
C VAL B 130 11.57 -30.29 7.97
N PHE B 131 10.67 -30.71 7.08
CA PHE B 131 10.56 -32.11 6.69
C PHE B 131 11.24 -32.35 5.37
N ASP B 132 12.29 -33.16 5.42
CA ASP B 132 13.09 -33.45 4.27
C ASP B 132 12.45 -34.59 3.51
N ALA B 133 11.73 -34.29 2.41
CA ALA B 133 11.14 -35.33 1.60
C ALA B 133 11.92 -35.57 0.34
N ARG B 134 13.23 -35.35 0.35
CA ARG B 134 14.02 -35.54 -0.88
C ARG B 134 14.27 -37.00 -1.28
N ASP B 135 13.96 -37.97 -0.39
CA ASP B 135 14.01 -39.39 -0.84
C ASP B 135 12.69 -39.79 -1.56
N CYS B 136 11.76 -38.84 -1.67
CA CYS B 136 10.41 -39.16 -2.26
C CYS B 136 10.53 -39.45 -3.74
N THR B 137 9.78 -40.43 -4.25
CA THR B 137 9.90 -40.79 -5.66
C THR B 137 8.52 -40.87 -6.38
N THR B 138 7.42 -41.05 -5.65
CA THR B 138 6.12 -41.24 -6.31
C THR B 138 5.12 -40.32 -5.64
N ALA B 139 3.98 -40.17 -6.32
CA ALA B 139 2.86 -39.32 -5.86
C ALA B 139 2.14 -39.89 -4.65
N HIS B 140 2.08 -41.21 -4.54
CA HIS B 140 1.60 -41.81 -3.30
C HIS B 140 2.57 -41.48 -2.17
N GLY B 141 3.87 -41.50 -2.47
CA GLY B 141 4.87 -41.10 -1.46
C GLY B 141 4.62 -39.65 -1.03
N MET B 142 4.31 -38.78 -2.00
CA MET B 142 4.10 -37.36 -1.69
C MET B 142 2.85 -37.20 -0.82
N PHE B 143 1.79 -37.96 -1.16
CA PHE B 143 0.59 -37.95 -0.35
C PHE B 143 0.90 -38.27 1.13
N ASN B 144 1.73 -39.26 1.34
CA ASN B 144 2.03 -39.66 2.68
C ASN B 144 2.83 -38.59 3.43
N TYR B 145 3.85 -38.01 2.76
CA TYR B 145 4.56 -36.86 3.35
C TYR B 145 3.60 -35.73 3.69
N ILE B 146 2.61 -35.50 2.84
CA ILE B 146 1.77 -34.31 3.00
C ILE B 146 0.77 -34.54 4.15
N CYS B 147 0.31 -35.78 4.28
CA CYS B 147 -0.55 -36.12 5.41
C CYS B 147 0.22 -35.91 6.71
N ASN B 148 1.46 -36.34 6.75
CA ASN B 148 2.25 -36.21 7.99
C ASN B 148 2.45 -34.75 8.39
N HIS B 149 2.70 -33.92 7.37
CA HIS B 149 2.89 -32.48 7.57
C HIS B 149 1.61 -31.87 8.19
N VAL B 150 0.48 -32.21 7.59
CA VAL B 150 -0.80 -31.66 8.06
C VAL B 150 -1.14 -32.06 9.48
N LYS B 151 -0.82 -33.29 9.84
CA LYS B 151 -1.19 -33.72 11.18
C LYS B 151 -0.22 -33.05 12.15
N TYR B 152 1.07 -33.07 11.79
CA TYR B 152 2.10 -32.41 12.68
C TYR B 152 1.77 -30.92 12.90
N ALA B 153 1.65 -30.19 11.80
CA ALA B 153 1.34 -28.74 11.79
C ALA B 153 0.03 -28.38 12.51
N THR B 154 -1.03 -29.13 12.21
CA THR B 154 -2.31 -28.91 12.85
C THR B 154 -2.22 -29.10 14.37
N ASN B 155 -1.70 -30.23 14.80
CA ASN B 155 -1.44 -30.46 16.22
C ASN B 155 -2.71 -30.20 17.07
N LYS B 156 -3.86 -30.72 16.62
CA LYS B 156 -5.12 -30.58 17.38
C LYS B 156 -5.49 -29.10 17.66
N GLY B 157 -5.04 -28.18 16.80
CA GLY B 157 -5.42 -26.77 16.94
C GLY B 157 -4.25 -25.88 17.42
N ASN B 158 -3.26 -26.47 18.05
CA ASN B 158 -2.08 -25.74 18.49
C ASN B 158 -1.03 -25.74 17.34
N LEU B 159 -1.27 -24.86 16.37
CA LEU B 159 -0.55 -24.89 15.09
C LEU B 159 0.96 -24.72 15.19
N ARG B 160 1.70 -25.49 14.39
CA ARG B 160 3.16 -25.44 14.41
C ARG B 160 3.58 -25.18 12.98
N SER B 161 4.46 -24.22 12.77
CA SER B 161 4.93 -23.92 11.40
CA SER B 161 4.93 -23.91 11.41
C SER B 161 5.78 -25.04 10.83
N ALA B 162 5.54 -25.39 9.58
CA ALA B 162 6.35 -26.44 8.98
C ALA B 162 6.45 -26.33 7.46
N ILE B 163 7.48 -26.97 6.89
CA ILE B 163 7.67 -27.00 5.43
C ILE B 163 8.05 -28.42 5.03
N THR B 164 7.47 -28.97 3.97
CA THR B 164 7.91 -30.23 3.44
C THR B 164 8.59 -30.00 2.06
N ILE B 165 9.84 -30.47 1.94
CA ILE B 165 10.71 -30.24 0.77
C ILE B 165 10.97 -31.50 -0.05
N PHE B 166 10.31 -31.56 -1.20
CA PHE B 166 10.42 -32.65 -2.15
C PHE B 166 11.60 -32.47 -3.09
N PRO B 167 11.96 -33.53 -3.85
CA PRO B 167 13.19 -33.34 -4.63
C PRO B 167 13.26 -32.14 -5.58
N GLN B 168 14.47 -31.60 -5.67
CA GLN B 168 14.76 -30.45 -6.49
C GLN B 168 14.67 -30.76 -7.98
N ARG B 169 14.54 -29.70 -8.76
CA ARG B 169 14.53 -29.77 -10.22
C ARG B 169 15.86 -30.29 -10.74
N THR B 170 15.79 -31.12 -11.76
CA THR B 170 17.01 -31.64 -12.37
C THR B 170 17.06 -31.08 -13.79
N ASP B 171 16.38 -31.74 -14.72
CA ASP B 171 16.36 -31.22 -16.10
C ASP B 171 15.08 -30.46 -16.48
N GLY B 172 14.18 -30.26 -15.53
CA GLY B 172 12.95 -29.54 -15.83
C GLY B 172 11.91 -30.43 -16.47
N LYS B 173 12.27 -31.70 -16.72
CA LYS B 173 11.31 -32.66 -17.28
C LYS B 173 10.82 -33.63 -16.20
N HIS B 174 11.38 -33.51 -15.00
CA HIS B 174 11.08 -34.46 -13.91
C HIS B 174 10.63 -33.76 -12.65
N ASP B 175 9.86 -32.69 -12.79
CA ASP B 175 9.55 -31.83 -11.66
C ASP B 175 8.55 -32.51 -10.69
N PHE B 176 8.78 -32.32 -9.40
CA PHE B 176 7.76 -32.55 -8.41
C PHE B 176 6.97 -31.25 -8.29
N ARG B 177 5.64 -31.37 -8.30
CA ARG B 177 4.71 -30.27 -8.13
C ARG B 177 3.54 -30.72 -7.30
N VAL B 178 3.07 -29.81 -6.44
CA VAL B 178 1.70 -29.92 -5.88
C VAL B 178 0.87 -28.99 -6.78
N TRP B 179 -0.17 -29.53 -7.42
CA TRP B 179 -1.03 -28.70 -8.30
C TRP B 179 -2.03 -27.82 -7.53
N ASN B 180 -2.47 -28.28 -6.37
CA ASN B 180 -3.15 -27.38 -5.43
C ASN B 180 -2.37 -26.11 -5.11
N SER B 181 -3.06 -24.97 -4.98
CA SER B 181 -2.45 -23.72 -4.53
C SER B 181 -2.19 -23.77 -3.02
N GLN B 182 -3.11 -24.37 -2.26
CA GLN B 182 -2.84 -24.63 -0.84
C GLN B 182 -3.20 -26.08 -0.61
N LEU B 183 -2.59 -26.72 0.36
CA LEU B 183 -2.88 -28.13 0.67
C LEU B 183 -4.37 -28.34 0.97
N ILE B 184 -4.95 -27.37 1.67
CA ILE B 184 -6.34 -27.42 2.03
C ILE B 184 -6.99 -26.20 1.51
N ARG B 185 -8.03 -26.39 0.70
CA ARG B 185 -8.80 -25.30 0.10
C ARG B 185 -10.15 -25.84 -0.35
N TYR B 186 -11.13 -24.95 -0.55
CA TYR B 186 -12.48 -25.35 -0.94
C TYR B 186 -12.73 -25.24 -2.44
N ALA B 187 -13.53 -26.21 -2.92
CA ALA B 187 -13.82 -26.29 -4.32
C ALA B 187 -14.69 -25.09 -4.74
N GLY B 188 -14.60 -24.73 -6.01
CA GLY B 188 -15.48 -23.75 -6.61
C GLY B 188 -16.11 -24.36 -7.88
N TYR B 189 -17.38 -24.06 -8.12
CA TYR B 189 -18.14 -24.65 -9.22
C TYR B 189 -18.91 -23.58 -9.99
N LYS B 190 -18.58 -23.35 -11.26
CA LYS B 190 -19.33 -22.38 -12.06
C LYS B 190 -20.63 -23.03 -12.45
N GLN B 191 -21.75 -22.35 -12.19
CA GLN B 191 -23.04 -22.88 -12.59
C GLN B 191 -23.39 -22.38 -13.97
N PRO B 192 -24.27 -23.13 -14.67
CA PRO B 192 -24.75 -22.72 -15.99
C PRO B 192 -25.40 -21.32 -15.95
N ASP B 193 -26.02 -20.91 -14.82
CA ASP B 193 -26.54 -19.53 -14.72
C ASP B 193 -25.45 -18.45 -14.47
N GLY B 194 -24.19 -18.87 -14.34
CA GLY B 194 -23.12 -17.89 -14.24
C GLY B 194 -22.75 -17.56 -12.81
N SER B 195 -23.57 -18.01 -11.86
CA SER B 195 -23.21 -17.94 -10.45
C SER B 195 -22.12 -18.99 -10.13
N THR B 196 -21.47 -18.82 -8.98
CA THR B 196 -20.49 -19.77 -8.51
C THR B 196 -20.97 -20.36 -7.21
N LEU B 197 -20.87 -21.68 -7.08
CA LEU B 197 -21.09 -22.33 -5.80
C LEU B 197 -19.68 -22.56 -5.22
N GLY B 198 -19.50 -22.26 -3.94
CA GLY B 198 -18.22 -22.48 -3.27
C GLY B 198 -17.27 -21.35 -3.56
N ASP B 199 -15.97 -21.66 -3.65
CA ASP B 199 -14.93 -20.64 -3.76
C ASP B 199 -14.51 -20.34 -5.20
N PRO B 200 -14.83 -19.14 -5.71
CA PRO B 200 -14.54 -18.81 -7.11
C PRO B 200 -13.09 -18.84 -7.43
N ALA B 201 -12.23 -18.63 -6.43
CA ALA B 201 -10.78 -18.65 -6.63
C ALA B 201 -10.34 -20.04 -7.15
N ASN B 202 -11.09 -21.10 -6.81
CA ASN B 202 -10.60 -22.43 -7.15
C ASN B 202 -11.38 -23.15 -8.24
N VAL B 203 -12.17 -22.39 -8.99
CA VAL B 203 -12.97 -22.96 -10.08
C VAL B 203 -12.14 -23.68 -11.12
N GLN B 204 -11.04 -23.07 -11.56
CA GLN B 204 -10.19 -23.72 -12.56
C GLN B 204 -9.61 -25.05 -12.05
N PHE B 205 -9.00 -25.00 -10.87
CA PHE B 205 -8.39 -26.22 -10.34
C PHE B 205 -9.46 -27.30 -10.03
N THR B 206 -10.63 -26.86 -9.59
CA THR B 206 -11.73 -27.79 -9.34
C THR B 206 -12.16 -28.54 -10.63
N GLU B 207 -12.24 -27.82 -11.75
CA GLU B 207 -12.56 -28.45 -13.04
C GLU B 207 -11.51 -29.47 -13.47
N ILE B 208 -10.24 -29.18 -13.19
CA ILE B 208 -9.17 -30.09 -13.51
C ILE B 208 -9.33 -31.35 -12.70
N CYS B 209 -9.62 -31.18 -11.40
CA CYS B 209 -9.77 -32.31 -10.48
C CYS B 209 -10.89 -33.22 -10.96
N ILE B 210 -12.02 -32.59 -11.27
CA ILE B 210 -13.20 -33.32 -11.78
C ILE B 210 -12.82 -34.11 -13.04
N GLN B 211 -12.15 -33.47 -13.97
CA GLN B 211 -11.69 -34.13 -15.16
C GLN B 211 -10.78 -35.35 -14.88
N GLN B 212 -9.87 -35.21 -13.92
CA GLN B 212 -8.97 -36.27 -13.54
C GLN B 212 -9.71 -37.39 -12.82
N GLY B 213 -10.91 -37.11 -12.36
CA GLY B 213 -11.79 -38.16 -11.84
C GLY B 213 -12.36 -37.98 -10.44
N TRP B 214 -12.07 -36.84 -9.80
CA TRP B 214 -12.72 -36.50 -8.54
C TRP B 214 -14.25 -36.48 -8.65
N LYS B 215 -14.90 -37.14 -7.70
CA LYS B 215 -16.36 -37.14 -7.58
C LYS B 215 -16.75 -36.00 -6.65
N ALA B 216 -17.10 -34.86 -7.21
CA ALA B 216 -17.35 -33.65 -6.44
C ALA B 216 -18.68 -33.69 -5.73
N PRO B 217 -18.67 -33.46 -4.40
CA PRO B 217 -19.93 -33.34 -3.63
C PRO B 217 -20.81 -32.15 -4.05
N ARG B 218 -20.26 -31.20 -4.82
CA ARG B 218 -20.92 -29.95 -5.20
C ARG B 218 -21.63 -29.22 -4.09
N GLY B 219 -20.91 -28.96 -3.00
CA GLY B 219 -21.39 -28.09 -1.95
C GLY B 219 -20.58 -26.80 -1.89
N ARG B 220 -20.81 -26.04 -0.82
CA ARG B 220 -20.26 -24.71 -0.72
C ARG B 220 -18.87 -24.71 -0.06
N PHE B 221 -18.59 -25.76 0.72
CA PHE B 221 -17.33 -25.89 1.40
C PHE B 221 -16.72 -27.30 1.26
N ASP B 222 -16.44 -27.75 0.03
CA ASP B 222 -15.88 -29.09 -0.17
C ASP B 222 -14.35 -29.02 -0.19
N VAL B 223 -13.70 -29.71 0.74
CA VAL B 223 -12.26 -29.80 0.73
C VAL B 223 -11.82 -30.50 -0.56
N LEU B 224 -10.97 -29.83 -1.31
CA LEU B 224 -10.46 -30.38 -2.56
C LEU B 224 -9.48 -31.52 -2.33
N PRO B 225 -9.41 -32.41 -3.31
CA PRO B 225 -8.43 -33.50 -3.23
C PRO B 225 -7.06 -32.96 -3.58
N LEU B 226 -6.00 -33.65 -3.14
CA LEU B 226 -4.65 -33.29 -3.55
C LEU B 226 -4.41 -33.83 -4.95
N LEU B 227 -3.77 -33.02 -5.79
CA LEU B 227 -3.38 -33.45 -7.11
C LEU B 227 -1.89 -33.34 -7.18
N LEU B 228 -1.23 -34.49 -7.15
CA LEU B 228 0.22 -34.54 -6.94
C LEU B 228 0.96 -35.15 -8.12
N GLN B 229 1.98 -34.42 -8.57
CA GLN B 229 2.89 -34.81 -9.62
C GLN B 229 4.27 -35.16 -9.01
N ALA B 230 4.75 -36.40 -9.22
CA ALA B 230 6.11 -36.79 -8.89
C ALA B 230 6.97 -37.06 -10.13
N ASN B 231 8.23 -36.66 -10.06
CA ASN B 231 9.21 -37.00 -11.07
C ASN B 231 8.79 -36.74 -12.52
N GLY B 232 7.97 -35.72 -12.69
CA GLY B 232 7.59 -35.26 -14.02
C GLY B 232 6.44 -36.05 -14.59
N ASN B 233 5.99 -37.08 -13.86
CA ASN B 233 4.82 -37.86 -14.28
C ASN B 233 3.50 -37.11 -14.14
N ASP B 234 2.46 -37.61 -14.80
CA ASP B 234 1.11 -37.04 -14.70
C ASP B 234 0.63 -37.06 -13.26
N PRO B 235 -0.07 -36.01 -12.86
CA PRO B 235 -0.56 -35.91 -11.48
C PRO B 235 -1.58 -36.96 -11.10
N GLU B 236 -1.60 -37.30 -9.83
CA GLU B 236 -2.57 -38.28 -9.34
C GLU B 236 -3.36 -37.68 -8.21
N LEU B 237 -4.60 -38.14 -8.09
CA LEU B 237 -5.55 -37.63 -7.11
C LEU B 237 -5.54 -38.42 -5.81
N PHE B 238 -5.63 -37.69 -4.69
CA PHE B 238 -5.72 -38.27 -3.36
C PHE B 238 -6.70 -37.45 -2.47
N GLN B 239 -7.37 -38.12 -1.54
CA GLN B 239 -8.30 -37.44 -0.66
C GLN B 239 -7.54 -37.34 0.64
N ILE B 240 -7.38 -36.13 1.16
CA ILE B 240 -6.80 -35.99 2.50
C ILE B 240 -7.76 -36.62 3.50
N PRO B 241 -7.28 -37.51 4.37
CA PRO B 241 -8.20 -38.04 5.39
C PRO B 241 -8.96 -36.90 6.11
N PRO B 242 -10.31 -36.95 6.11
CA PRO B 242 -11.10 -35.88 6.76
C PRO B 242 -10.74 -35.67 8.23
N GLU B 243 -10.47 -36.76 8.93
CA GLU B 243 -10.06 -36.67 10.35
C GLU B 243 -8.81 -35.79 10.54
N LEU B 244 -8.08 -35.58 9.46
CA LEU B 244 -6.89 -34.73 9.49
C LEU B 244 -7.17 -33.26 9.18
N VAL B 245 -8.34 -32.95 8.63
CA VAL B 245 -8.67 -31.54 8.25
C VAL B 245 -9.44 -30.83 9.34
N LEU B 246 -8.75 -30.00 10.12
CA LEU B 246 -9.39 -29.24 11.17
C LEU B 246 -10.11 -28.03 10.57
N GLU B 247 -11.41 -27.89 10.87
CA GLU B 247 -12.25 -26.79 10.40
C GLU B 247 -12.93 -26.11 11.62
N VAL B 248 -13.27 -24.83 11.46
CA VAL B 248 -13.96 -24.04 12.47
C VAL B 248 -15.30 -23.48 11.95
N PRO B 249 -16.42 -23.85 12.57
CA PRO B 249 -17.69 -23.19 12.22
C PRO B 249 -17.62 -21.77 12.74
N ILE B 250 -18.15 -20.83 11.98
CA ILE B 250 -17.90 -19.43 12.31
C ILE B 250 -19.17 -18.89 12.94
N ARG B 251 -19.03 -18.37 14.15
CA ARG B 251 -20.17 -17.73 14.82
C ARG B 251 -19.71 -16.38 15.37
N HIS B 252 -20.67 -15.57 15.81
CA HIS B 252 -20.39 -14.24 16.33
C HIS B 252 -20.75 -14.20 17.82
N PRO B 253 -19.95 -13.51 18.66
CA PRO B 253 -20.22 -13.57 20.11
C PRO B 253 -21.54 -12.89 20.55
N LYS B 254 -22.05 -11.96 19.76
CA LYS B 254 -23.31 -11.28 20.08
C LYS B 254 -24.44 -11.61 19.13
N PHE B 255 -24.14 -11.90 17.87
CA PHE B 255 -25.21 -12.15 16.89
C PHE B 255 -25.47 -13.64 16.72
N ASP B 256 -26.52 -14.15 17.37
CA ASP B 256 -26.80 -15.58 17.29
C ASP B 256 -27.29 -16.01 15.91
N TRP B 257 -27.66 -15.06 15.05
CA TRP B 257 -27.97 -15.44 13.66
C TRP B 257 -26.69 -15.65 12.79
N PHE B 258 -25.53 -15.25 13.30
CA PHE B 258 -24.32 -15.34 12.47
C PHE B 258 -24.08 -16.82 12.05
N LYS B 259 -24.24 -17.72 13.00
CA LYS B 259 -24.01 -19.14 12.74
C LYS B 259 -24.86 -19.68 11.61
N ASP B 260 -26.05 -19.12 11.39
CA ASP B 260 -26.96 -19.65 10.39
C ASP B 260 -26.63 -19.17 8.98
N LEU B 261 -25.60 -18.33 8.87
CA LEU B 261 -25.01 -18.06 7.56
C LEU B 261 -24.44 -19.35 6.95
N GLY B 262 -24.19 -20.36 7.79
CA GLY B 262 -23.58 -21.59 7.34
C GLY B 262 -22.06 -21.48 7.05
N LEU B 263 -21.36 -20.49 7.60
CA LEU B 263 -19.94 -20.33 7.30
C LEU B 263 -19.03 -21.19 8.18
N LYS B 264 -17.96 -21.70 7.57
CA LYS B 264 -16.83 -22.27 8.30
C LYS B 264 -15.54 -21.99 7.53
N TRP B 265 -14.40 -22.29 8.12
CA TRP B 265 -13.13 -22.29 7.38
C TRP B 265 -12.14 -23.30 7.94
N TYR B 266 -11.05 -23.56 7.23
CA TYR B 266 -10.10 -24.56 7.71
C TYR B 266 -9.07 -23.84 8.57
N GLY B 267 -8.46 -24.56 9.50
CA GLY B 267 -7.50 -23.93 10.40
C GLY B 267 -6.11 -23.75 9.86
N LEU B 268 -5.72 -24.57 8.89
CA LEU B 268 -4.31 -24.61 8.45
C LEU B 268 -4.11 -23.98 7.07
N PRO B 269 -3.53 -22.78 7.03
CA PRO B 269 -3.19 -22.14 5.76
C PRO B 269 -1.84 -22.75 5.29
N ALA B 270 -1.83 -23.39 4.14
CA ALA B 270 -0.67 -24.15 3.66
C ALA B 270 -0.36 -23.92 2.17
N VAL B 271 0.36 -22.83 1.88
CA VAL B 271 0.66 -22.45 0.49
C VAL B 271 1.47 -23.53 -0.17
N SER B 272 1.01 -24.08 -1.30
CA SER B 272 1.68 -25.26 -1.85
C SER B 272 2.25 -25.09 -3.30
N ASN B 273 2.16 -23.90 -3.88
CA ASN B 273 2.46 -23.69 -5.30
C ASN B 273 3.67 -22.81 -5.61
N MET B 274 4.45 -22.52 -4.59
CA MET B 274 5.62 -21.67 -4.73
C MET B 274 6.88 -22.49 -4.91
N LEU B 275 7.96 -21.83 -5.36
CA LEU B 275 9.20 -22.52 -5.62
CA LEU B 275 9.21 -22.49 -5.66
C LEU B 275 10.23 -21.97 -4.65
N LEU B 276 11.01 -22.86 -4.05
CA LEU B 276 11.99 -22.45 -3.04
C LEU B 276 13.37 -22.55 -3.68
N GLU B 277 14.09 -21.41 -3.73
CA GLU B 277 15.44 -21.43 -4.27
C GLU B 277 16.47 -21.36 -3.16
N ILE B 278 17.36 -22.37 -3.11
CA ILE B 278 18.47 -22.38 -2.12
C ILE B 278 19.79 -22.73 -2.88
N GLY B 279 20.77 -21.85 -2.76
CA GLY B 279 22.05 -22.03 -3.43
C GLY B 279 21.95 -22.35 -4.89
N GLY B 280 20.95 -21.79 -5.56
CA GLY B 280 20.77 -21.99 -6.98
C GLY B 280 19.92 -23.19 -7.32
N LEU B 281 19.73 -24.09 -6.36
CA LEU B 281 18.85 -25.24 -6.55
C LEU B 281 17.39 -24.82 -6.46
N GLU B 282 16.53 -25.51 -7.20
CA GLU B 282 15.12 -25.18 -7.31
C GLU B 282 14.17 -26.29 -6.84
N PHE B 283 13.53 -26.03 -5.70
CA PHE B 283 12.56 -26.95 -5.09
C PHE B 283 11.14 -26.55 -5.50
N SER B 284 10.65 -27.14 -6.59
CA SER B 284 9.34 -26.80 -7.16
C SER B 284 8.12 -27.30 -6.32
N ALA B 285 8.37 -28.25 -5.42
CA ALA B 285 7.33 -28.70 -4.50
C ALA B 285 7.82 -28.47 -3.07
N CYS B 286 7.17 -27.54 -2.39
CA CYS B 286 7.64 -27.16 -1.07
C CYS B 286 6.54 -26.53 -0.22
N PRO B 287 5.42 -27.27 -0.03
CA PRO B 287 4.30 -26.80 0.78
C PRO B 287 4.79 -26.31 2.17
N PHE B 288 4.29 -25.15 2.60
CA PHE B 288 4.61 -24.65 3.91
C PHE B 288 3.35 -24.08 4.54
N SER B 289 3.36 -24.05 5.85
CA SER B 289 2.20 -23.68 6.65
C SER B 289 2.64 -22.97 7.94
N GLY B 290 1.86 -21.97 8.31
CA GLY B 290 1.95 -21.34 9.60
C GLY B 290 0.64 -21.38 10.36
N TRP B 291 0.09 -20.20 10.62
CA TRP B 291 -1.30 -20.04 11.06
C TRP B 291 -1.87 -18.71 10.52
N TYR B 292 -3.18 -18.60 10.53
CA TYR B 292 -3.86 -17.48 9.92
C TYR B 292 -3.76 -16.22 10.74
N MET B 293 -3.69 -15.10 10.02
CA MET B 293 -4.07 -13.79 10.56
C MET B 293 -5.53 -13.64 10.14
N GLY B 294 -6.41 -13.21 11.05
CA GLY B 294 -7.85 -13.27 10.80
C GLY B 294 -8.36 -12.60 9.54
N THR B 295 -7.72 -11.49 9.19
CA THR B 295 -8.13 -10.76 7.99
C THR B 295 -8.02 -11.55 6.71
N GLU B 296 -7.13 -12.51 6.64
CA GLU B 296 -7.02 -13.29 5.40
C GLU B 296 -8.36 -13.94 5.09
N ILE B 297 -9.00 -14.50 6.14
CA ILE B 297 -10.28 -15.10 6.06
C ILE B 297 -11.40 -14.07 6.09
N GLY B 298 -11.44 -13.26 7.15
CA GLY B 298 -12.58 -12.36 7.33
C GLY B 298 -12.68 -11.21 6.33
N VAL B 299 -11.54 -10.70 5.85
CA VAL B 299 -11.55 -9.59 4.87
C VAL B 299 -11.55 -10.14 3.43
N ARG B 300 -10.47 -10.84 3.08
CA ARG B 300 -10.28 -11.31 1.71
C ARG B 300 -11.18 -12.52 1.31
N ASP B 301 -11.05 -13.64 2.02
CA ASP B 301 -11.70 -14.87 1.58
C ASP B 301 -13.20 -14.69 1.66
N TYR B 302 -13.67 -14.04 2.71
CA TYR B 302 -15.11 -13.85 2.85
C TYR B 302 -15.69 -12.67 2.11
N CYS B 303 -14.94 -11.56 2.03
CA CYS B 303 -15.57 -10.33 1.56
C CYS B 303 -15.11 -9.77 0.23
N ASP B 304 -14.00 -10.28 -0.33
CA ASP B 304 -13.72 -9.90 -1.72
C ASP B 304 -14.98 -10.21 -2.56
N ASN B 305 -15.29 -9.34 -3.52
CA ASN B 305 -16.35 -9.59 -4.50
C ASN B 305 -16.10 -10.83 -5.32
N SER B 306 -14.83 -11.17 -5.56
CA SER B 306 -14.55 -12.34 -6.40
CA SER B 306 -14.42 -12.31 -6.38
C SER B 306 -14.24 -13.61 -5.59
N ARG B 307 -14.56 -13.57 -4.29
CA ARG B 307 -14.47 -14.76 -3.42
C ARG B 307 -15.87 -15.06 -2.87
N TYR B 308 -16.00 -15.35 -1.58
CA TYR B 308 -17.32 -15.73 -1.04
C TYR B 308 -18.34 -14.58 -1.01
N ASN B 309 -17.85 -13.34 -0.96
CA ASN B 309 -18.69 -12.16 -1.21
C ASN B 309 -19.93 -12.09 -0.31
N ILE B 310 -19.71 -12.15 1.00
CA ILE B 310 -20.82 -12.24 1.96
C ILE B 310 -21.28 -10.89 2.53
N LEU B 311 -20.69 -9.80 2.05
CA LEU B 311 -20.95 -8.50 2.67
C LEU B 311 -22.44 -8.15 2.69
N GLU B 312 -23.13 -8.26 1.54
CA GLU B 312 -24.55 -7.88 1.46
C GLU B 312 -25.41 -8.66 2.46
N GLU B 313 -25.30 -9.98 2.34
CA GLU B 313 -26.04 -10.89 3.20
C GLU B 313 -25.80 -10.61 4.69
N VAL B 314 -24.57 -10.28 5.06
CA VAL B 314 -24.33 -9.94 6.45
C VAL B 314 -24.99 -8.59 6.78
N ALA B 315 -24.74 -7.58 5.95
CA ALA B 315 -25.31 -6.26 6.20
C ALA B 315 -26.84 -6.32 6.30
N LYS B 316 -27.47 -7.14 5.45
CA LYS B 316 -28.92 -7.30 5.44
C LYS B 316 -29.44 -7.74 6.80
N LYS B 317 -28.81 -8.80 7.34
CA LYS B 317 -29.15 -9.35 8.66
C LYS B 317 -28.83 -8.39 9.81
N MET B 318 -27.91 -7.46 9.58
CA MET B 318 -27.63 -6.45 10.58
C MET B 318 -28.63 -5.29 10.50
N ASP B 319 -29.40 -5.24 9.41
CA ASP B 319 -30.33 -4.12 9.19
C ASP B 319 -29.58 -2.79 9.19
N LEU B 320 -28.46 -2.77 8.49
CA LEU B 320 -27.74 -1.53 8.27
C LEU B 320 -28.46 -0.79 7.17
N ASP B 321 -28.23 0.51 7.10
CA ASP B 321 -28.77 1.32 6.03
C ASP B 321 -27.90 1.10 4.78
N MET B 322 -28.43 0.38 3.80
CA MET B 322 -27.68 -0.04 2.61
C MET B 322 -27.99 0.77 1.35
N ARG B 323 -28.69 1.89 1.49
CA ARG B 323 -29.13 2.65 0.32
C ARG B 323 -28.02 3.57 -0.17
N LYS B 324 -27.16 3.97 0.75
CA LYS B 324 -26.06 4.90 0.47
C LYS B 324 -24.72 4.38 1.05
N THR B 325 -23.66 4.38 0.24
CA THR B 325 -22.34 3.91 0.70
C THR B 325 -21.89 4.67 1.95
N SER B 326 -22.24 5.96 2.01
CA SER B 326 -21.85 6.86 3.08
C SER B 326 -22.39 6.49 4.46
N SER B 327 -23.27 5.49 4.55
CA SER B 327 -23.61 4.91 5.84
C SER B 327 -22.45 4.04 6.36
N LEU B 328 -21.56 3.68 5.45
CA LEU B 328 -20.42 2.80 5.77
C LEU B 328 -20.94 1.43 6.25
N TRP B 329 -22.00 0.96 5.62
CA TRP B 329 -22.54 -0.32 5.98
C TRP B 329 -21.56 -1.46 5.68
N LYS B 330 -20.97 -1.45 4.48
CA LYS B 330 -19.91 -2.42 4.13
C LYS B 330 -18.87 -2.44 5.24
N ASP B 331 -18.39 -1.25 5.60
CA ASP B 331 -17.39 -1.16 6.64
C ASP B 331 -17.88 -1.76 7.97
N GLN B 332 -19.14 -1.50 8.30
CA GLN B 332 -19.61 -1.96 9.59
C GLN B 332 -19.73 -3.50 9.64
N ALA B 333 -20.29 -4.08 8.59
CA ALA B 333 -20.37 -5.51 8.45
C ALA B 333 -18.97 -6.18 8.41
N LEU B 334 -18.01 -5.51 7.81
CA LEU B 334 -16.67 -6.05 7.68
C LEU B 334 -16.12 -6.32 9.06
N VAL B 335 -16.24 -5.34 9.95
CA VAL B 335 -15.70 -5.48 11.31
C VAL B 335 -16.39 -6.65 12.04
N GLU B 336 -17.71 -6.77 11.91
CA GLU B 336 -18.42 -7.83 12.61
C GLU B 336 -18.02 -9.23 12.11
N ILE B 337 -17.73 -9.36 10.82
CA ILE B 337 -17.34 -10.64 10.24
C ILE B 337 -15.99 -11.02 10.80
N ASN B 338 -15.14 -10.01 10.91
CA ASN B 338 -13.80 -10.24 11.42
C ASN B 338 -13.73 -10.54 12.90
N ILE B 339 -14.66 -9.99 13.66
CA ILE B 339 -14.79 -10.32 15.06
C ILE B 339 -15.17 -11.79 15.18
N ALA B 340 -16.09 -12.21 14.32
CA ALA B 340 -16.61 -13.54 14.32
C ALA B 340 -15.51 -14.58 14.03
N VAL B 341 -14.64 -14.28 13.07
CA VAL B 341 -13.55 -15.22 12.71
C VAL B 341 -12.63 -15.40 13.93
N LEU B 342 -12.19 -14.29 14.50
CA LEU B 342 -11.24 -14.36 15.63
C LEU B 342 -11.92 -15.05 16.81
N TYR B 343 -13.20 -14.73 17.06
CA TYR B 343 -13.94 -15.36 18.15
C TYR B 343 -14.11 -16.88 17.94
N SER B 344 -14.47 -17.29 16.74
CA SER B 344 -14.68 -18.70 16.48
C SER B 344 -13.42 -19.54 16.65
N PHE B 345 -12.30 -19.07 16.08
CA PHE B 345 -11.04 -19.78 16.14
C PHE B 345 -10.56 -19.86 17.62
N GLN B 346 -10.56 -18.72 18.32
CA GLN B 346 -10.17 -18.68 19.74
C GLN B 346 -11.03 -19.61 20.61
N SER B 347 -12.33 -19.71 20.30
CA SER B 347 -13.25 -20.49 21.10
C SER B 347 -12.99 -21.96 20.89
N ASP B 348 -12.59 -22.33 19.67
CA ASP B 348 -12.24 -23.74 19.39
C ASP B 348 -10.78 -24.03 19.66
N LYS B 349 -10.04 -23.07 20.18
CA LYS B 349 -8.63 -23.31 20.53
C LYS B 349 -7.79 -23.68 19.30
N VAL B 350 -7.95 -22.88 18.27
CA VAL B 350 -7.13 -23.03 17.05
C VAL B 350 -6.33 -21.73 16.92
N THR B 351 -5.02 -21.84 16.76
CA THR B 351 -4.18 -20.65 16.66
C THR B 351 -4.64 -19.71 15.52
N ILE B 352 -4.72 -18.43 15.86
CA ILE B 352 -5.07 -17.36 14.94
C ILE B 352 -4.42 -16.10 15.54
N VAL B 353 -4.05 -15.13 14.71
CA VAL B 353 -3.52 -13.87 15.25
C VAL B 353 -4.36 -12.74 14.64
N ASP B 354 -4.65 -11.72 15.45
CA ASP B 354 -5.38 -10.58 14.91
C ASP B 354 -4.38 -9.67 14.22
N HIS B 355 -4.89 -8.81 13.34
CA HIS B 355 -3.99 -7.90 12.60
C HIS B 355 -3.30 -6.85 13.43
N HIS B 356 -3.84 -6.49 14.60
CA HIS B 356 -3.12 -5.56 15.50
C HIS B 356 -1.90 -6.24 16.11
N SER B 357 -2.11 -7.41 16.69
CA SER B 357 -0.98 -8.13 17.30
CA SER B 357 -1.02 -8.16 17.29
C SER B 357 0.09 -8.49 16.27
N ALA B 358 -0.33 -8.97 15.11
CA ALA B 358 0.63 -9.38 14.06
C ALA B 358 1.50 -8.27 13.55
N THR B 359 0.90 -7.11 13.34
CA THR B 359 1.63 -5.95 12.80
C THR B 359 2.55 -5.34 13.86
N GLU B 360 2.11 -5.34 15.12
CA GLU B 360 2.94 -4.84 16.23
C GLU B 360 4.19 -5.73 16.36
N SER B 361 3.98 -7.05 16.30
CA SER B 361 5.09 -7.98 16.34
C SER B 361 5.99 -7.85 15.14
N PHE B 362 5.41 -7.63 13.97
CA PHE B 362 6.22 -7.43 12.78
C PHE B 362 7.16 -6.21 12.91
N ILE B 363 6.66 -5.12 13.47
CA ILE B 363 7.47 -3.92 13.59
C ILE B 363 8.64 -4.19 14.57
N LYS B 364 8.35 -4.87 15.67
CA LYS B 364 9.38 -5.31 16.62
C LYS B 364 10.43 -6.19 15.94
N HIS B 365 9.95 -7.16 15.16
CA HIS B 365 10.83 -8.02 14.36
C HIS B 365 11.68 -7.23 13.40
N MET B 366 11.05 -6.29 12.72
CA MET B 366 11.76 -5.51 11.69
C MET B 366 12.86 -4.66 12.33
N GLU B 367 12.56 -4.03 13.47
CA GLU B 367 13.59 -3.24 14.19
C GLU B 367 14.78 -4.10 14.58
N ASN B 368 14.50 -5.25 15.16
CA ASN B 368 15.52 -6.21 15.54
C ASN B 368 16.40 -6.65 14.36
N GLU B 369 15.79 -6.90 13.21
CA GLU B 369 16.50 -7.27 12.01
C GLU B 369 17.41 -6.17 11.48
N TYR B 370 16.96 -4.93 11.58
CA TYR B 370 17.81 -3.80 11.22
C TYR B 370 19.07 -3.78 12.09
N ARG B 371 18.89 -3.95 13.40
CA ARG B 371 20.04 -3.92 14.33
C ARG B 371 20.98 -5.12 14.17
N CYS B 372 20.44 -6.34 14.12
CA CYS B 372 21.26 -7.55 14.09
CA CYS B 372 21.26 -7.53 14.09
C CYS B 372 21.67 -7.96 12.67
N ARG B 373 20.88 -7.56 11.68
CA ARG B 373 21.16 -7.96 10.30
C ARG B 373 21.42 -6.83 9.29
N GLY B 374 21.14 -5.59 9.67
CA GLY B 374 21.35 -4.46 8.76
C GLY B 374 20.22 -4.18 7.78
N GLY B 375 19.09 -4.87 7.97
CA GLY B 375 17.97 -4.69 7.06
C GLY B 375 16.87 -5.71 7.25
N CYS B 376 15.71 -5.43 6.65
CA CYS B 376 14.56 -6.36 6.58
C CYS B 376 13.70 -6.05 5.35
N PRO B 377 13.88 -6.80 4.25
CA PRO B 377 13.10 -6.43 3.05
C PRO B 377 11.60 -6.65 3.32
N ALA B 378 10.79 -5.67 2.96
CA ALA B 378 9.34 -5.71 3.25
C ALA B 378 8.57 -5.02 2.15
N ASP B 379 7.49 -5.67 1.72
CA ASP B 379 6.63 -5.11 0.66
C ASP B 379 5.36 -4.48 1.33
N TRP B 380 5.34 -3.15 1.42
CA TRP B 380 4.29 -2.45 2.18
C TRP B 380 2.88 -2.81 1.68
N VAL B 381 2.75 -2.92 0.38
CA VAL B 381 1.45 -3.22 -0.23
C VAL B 381 0.85 -4.50 0.33
N TRP B 382 1.71 -5.49 0.58
CA TRP B 382 1.27 -6.75 1.15
C TRP B 382 1.23 -6.77 2.69
N ILE B 383 2.19 -6.09 3.33
CA ILE B 383 2.31 -6.08 4.78
C ILE B 383 1.17 -5.34 5.49
N VAL B 384 0.67 -4.22 4.90
CA VAL B 384 -0.47 -3.55 5.50
C VAL B 384 -1.75 -4.36 5.29
N PRO B 385 -2.46 -4.64 6.39
CA PRO B 385 -3.69 -5.45 6.35
C PRO B 385 -4.78 -4.81 5.49
N PRO B 386 -5.73 -5.62 4.97
CA PRO B 386 -6.72 -5.08 4.03
C PRO B 386 -7.95 -4.44 4.68
N MET B 387 -7.94 -4.30 6.00
CA MET B 387 -8.89 -3.41 6.67
C MET B 387 -8.11 -2.62 7.72
N SER B 388 -8.62 -1.45 8.12
CA SER B 388 -8.08 -0.68 9.25
C SER B 388 -6.58 -0.38 9.14
N GLY B 389 -6.12 -0.22 7.90
CA GLY B 389 -4.73 0.01 7.59
C GLY B 389 -4.00 0.97 8.52
N SER B 390 -4.43 2.23 8.61
CA SER B 390 -3.63 3.21 9.38
C SER B 390 -3.68 3.15 10.93
N ILE B 391 -4.58 2.34 11.47
CA ILE B 391 -4.58 2.08 12.90
C ILE B 391 -3.65 0.89 13.27
N THR B 392 -2.97 0.34 12.26
CA THR B 392 -1.83 -0.58 12.49
C THR B 392 -0.50 0.18 12.28
N PRO B 393 0.54 -0.16 13.06
CA PRO B 393 1.81 0.60 12.97
C PRO B 393 2.53 0.42 11.62
N VAL B 394 2.29 -0.69 10.94
CA VAL B 394 2.98 -0.91 9.68
C VAL B 394 2.68 0.17 8.61
N PHE B 395 1.46 0.72 8.64
CA PHE B 395 1.01 1.75 7.72
C PHE B 395 1.96 2.93 7.73
N HIS B 396 2.45 3.24 8.93
CA HIS B 396 3.23 4.44 9.19
C HIS B 396 4.74 4.17 9.06
N GLN B 397 5.06 2.91 8.73
CA GLN B 397 6.44 2.50 8.59
C GLN B 397 6.85 2.46 7.12
N GLU B 398 7.89 3.21 6.79
CA GLU B 398 8.51 3.13 5.47
C GLU B 398 9.25 1.80 5.36
N MET B 399 9.13 1.16 4.21
CA MET B 399 9.79 -0.11 3.97
C MET B 399 10.60 -0.12 2.67
N LEU B 400 11.69 -0.88 2.69
CA LEU B 400 12.49 -1.13 1.51
C LEU B 400 12.20 -2.55 1.03
N ASN B 401 11.78 -2.68 -0.23
CA ASN B 401 11.56 -3.98 -0.74
C ASN B 401 12.71 -4.37 -1.68
N TYR B 402 13.36 -5.49 -1.36
CA TYR B 402 14.36 -6.05 -2.24
C TYR B 402 14.43 -7.58 -2.11
N ARG B 403 15.12 -8.22 -3.06
CA ARG B 403 15.19 -9.69 -3.11
C ARG B 403 16.50 -10.27 -2.60
N LEU B 404 16.38 -10.98 -1.48
CA LEU B 404 17.47 -11.76 -0.93
C LEU B 404 17.23 -13.25 -1.25
N THR B 405 18.31 -14.01 -1.46
CA THR B 405 18.21 -15.48 -1.52
C THR B 405 18.80 -16.09 -0.27
N PRO B 406 18.33 -17.31 0.13
CA PRO B 406 17.26 -18.15 -0.44
C PRO B 406 15.92 -17.44 -0.50
N SER B 407 15.08 -17.88 -1.41
CA SER B 407 13.83 -17.18 -1.69
CA SER B 407 13.84 -17.18 -1.66
C SER B 407 12.69 -18.13 -2.00
N PHE B 408 11.48 -17.69 -1.67
CA PHE B 408 10.28 -18.29 -2.22
C PHE B 408 9.84 -17.45 -3.43
N GLU B 409 9.49 -18.13 -4.54
CA GLU B 409 9.23 -17.43 -5.80
C GLU B 409 7.95 -17.97 -6.38
N TYR B 410 7.28 -17.18 -7.20
CA TYR B 410 6.14 -17.70 -7.93
C TYR B 410 6.61 -18.61 -9.04
N GLN B 411 5.70 -19.49 -9.48
CA GLN B 411 5.94 -20.30 -10.64
C GLN B 411 4.62 -20.42 -11.39
N PRO B 412 4.70 -20.69 -12.69
CA PRO B 412 3.43 -20.80 -13.42
C PRO B 412 2.63 -22.03 -12.96
N ASP B 413 1.32 -21.99 -13.13
CA ASP B 413 0.53 -23.15 -12.79
C ASP B 413 0.94 -24.33 -13.68
N PRO B 414 1.13 -25.52 -13.07
CA PRO B 414 1.72 -26.66 -13.76
C PRO B 414 0.82 -27.14 -14.94
N TRP B 415 -0.48 -26.86 -14.88
CA TRP B 415 -1.35 -27.25 -15.99
C TRP B 415 -1.08 -26.43 -17.25
N ASN B 416 -0.48 -25.27 -17.07
CA ASN B 416 -0.05 -24.44 -18.18
C ASN B 416 1.24 -24.93 -18.83
N THR B 417 1.92 -25.88 -18.21
CA THR B 417 3.25 -26.25 -18.70
C THR B 417 3.47 -27.74 -18.82
N HIS B 418 2.66 -28.53 -18.12
CA HIS B 418 2.87 -29.99 -18.08
C HIS B 418 2.77 -30.67 -19.45
N VAL B 419 3.78 -31.48 -19.74
CA VAL B 419 3.78 -32.35 -20.91
C VAL B 419 3.07 -33.62 -20.50
N TRP B 420 1.84 -33.83 -20.97
CA TRP B 420 1.09 -35.02 -20.54
C TRP B 420 1.66 -36.30 -21.15
N LYS B 421 1.96 -37.28 -20.30
CA LYS B 421 2.45 -38.59 -20.75
C LYS B 421 1.27 -39.43 -21.23
N GLY B 422 0.12 -39.22 -20.60
CA GLY B 422 -1.14 -39.80 -21.03
C GLY B 422 -1.60 -40.94 -20.13
CHA HEM C . -3.74 14.26 -2.32
CHB HEM C . -8.55 13.74 -2.80
CHC HEM C . -8.65 17.94 -5.15
CHD HEM C . -3.84 17.63 -5.88
C1A HEM C . -5.04 13.84 -2.15
C2A HEM C . -5.49 12.91 -1.18
C3A HEM C . -6.82 12.77 -1.29
C4A HEM C . -7.25 13.61 -2.38
CMA HEM C . -7.74 11.86 -0.42
CAA HEM C . -4.59 12.25 -0.12
CBA HEM C . -4.27 13.41 0.83
CGA HEM C . -3.58 12.93 2.09
O1A HEM C . -3.53 11.70 2.35
O2A HEM C . -3.11 13.81 2.85
C1B HEM C . -9.03 14.82 -3.46
C2B HEM C . -10.40 15.14 -3.71
C3B HEM C . -10.44 16.30 -4.36
C4B HEM C . -9.07 16.76 -4.54
CMB HEM C . -11.62 14.29 -3.32
CAB HEM C . -11.75 16.97 -4.82
CBB HEM C . -11.78 17.79 -5.87
C1C HEM C . -7.35 18.22 -5.54
C2C HEM C . -6.95 19.42 -6.23
C3C HEM C . -5.61 19.33 -6.46
C4C HEM C . -5.13 18.10 -5.88
CMC HEM C . -7.92 20.57 -6.63
CAC HEM C . -4.69 20.35 -7.15
CBC HEM C . -5.20 21.41 -7.79
C1D HEM C . -3.35 16.75 -4.94
C2D HEM C . -1.95 16.56 -4.64
C3D HEM C . -1.90 15.51 -3.57
C4D HEM C . -3.29 15.18 -3.28
CMD HEM C . -0.80 17.28 -5.35
CAD HEM C . -0.67 14.94 -2.84
CBD HEM C . -0.51 15.93 -1.67
CGD HEM C . 0.60 15.45 -0.75
O1D HEM C . 1.52 14.76 -1.30
O2D HEM C . 0.54 15.70 0.47
NA HEM C . -6.14 14.26 -2.90
NB HEM C . -8.25 15.82 -3.99
NC HEM C . -6.22 17.46 -5.28
ND HEM C . -4.08 15.91 -4.14
FE HEM C . -6.16 15.88 -4.13
N NO D . -6.02 17.05 -2.76
O NO D . -5.29 17.69 -2.15
N1 H4B E . -1.73 7.63 2.02
C2 H4B E . -2.29 8.83 2.06
N2 H4B E . -3.35 9.09 1.28
N3 H4B E . -1.79 9.80 2.88
C4 H4B E . -0.67 9.53 3.68
O4 H4B E . -0.27 10.43 4.43
C4A H4B E . -0.16 8.22 3.68
C8A H4B E . -0.61 7.34 2.70
N5 H4B E . 1.06 8.04 4.32
N8 H4B E . -0.08 6.03 2.63
C6 H4B E . 1.92 6.91 3.95
C7 H4B E . 1.01 5.73 3.68
C9 H4B E . 2.98 6.51 5.00
O9 H4B E . 2.54 6.06 6.26
C10 H4B E . 3.97 5.48 4.35
C11 H4B E . 5.19 5.34 5.27
O10 H4B E . 4.39 6.02 3.16
N HAR F . -5.28 15.02 4.24
CA HAR F . -5.33 16.45 4.68
C HAR F . -6.28 16.63 5.90
O HAR F . -6.38 17.84 6.42
CB HAR F . -5.92 17.26 3.51
CG HAR F . -5.07 17.18 2.23
CD HAR F . -5.94 17.69 1.03
NE HAR F . -7.15 16.81 0.91
CZ HAR F . -8.06 17.02 -0.02
NH1 HAR F . -7.75 18.06 -0.79
NH2 HAR F . -9.20 16.36 -0.27
OH1 HAR F . -8.76 18.59 -1.73
OXT HAR F . -6.96 15.55 6.36
C ACT G . -14.95 13.18 -5.81
O ACT G . -15.02 12.16 -6.55
OXT ACT G . -15.99 13.52 -5.20
CH3 ACT G . -13.68 13.97 -5.69
ZN ZN H . 9.30 0.82 -6.71
CHA HEM I . 2.45 -14.24 2.95
CHB HEM I . 1.32 -14.26 7.65
CHC HEM I . 4.02 -18.27 8.14
CHD HEM I . 6.15 -17.37 3.88
C1A HEM I . 1.80 -14.02 4.15
C2A HEM I . 0.62 -13.22 4.32
C3A HEM I . 0.29 -13.25 5.61
C4A HEM I . 1.26 -14.05 6.30
CMA HEM I . -0.92 -12.57 6.29
CAA HEM I . -0.17 -12.56 3.18
CBA HEM I . -0.92 -13.74 2.57
CGA HEM I . -1.98 -13.28 1.62
O1A HEM I . -2.37 -12.07 1.66
O2A HEM I . -2.45 -14.12 0.80
C1B HEM I . 1.95 -15.38 8.20
C2B HEM I . 1.77 -15.82 9.54
C3B HEM I . 2.52 -16.92 9.71
C4B HEM I . 3.19 -17.22 8.43
CMB HEM I . 0.86 -15.10 10.60
CAB HEM I . 2.58 -17.69 11.05
CBB HEM I . 3.56 -18.56 11.27
C1C HEM I . 4.80 -18.37 7.03
C2C HEM I . 5.74 -19.43 6.80
C3C HEM I . 6.33 -19.18 5.62
C4C HEM I . 5.80 -17.97 5.09
CMC HEM I . 5.98 -20.64 7.76
CAC HEM I . 7.44 -20.02 4.93
CBC HEM I . 8.09 -21.02 5.60
C1D HEM I . 5.29 -16.52 3.20
C2D HEM I . 5.39 -16.18 1.82
C3D HEM I . 4.26 -15.24 1.53
C4D HEM I . 3.58 -15.05 2.78
CMD HEM I . 6.45 -16.73 0.82
CAD HEM I . 3.90 -14.63 0.15
CBD HEM I . 2.71 -15.52 -0.37
CGD HEM I . 2.26 -15.04 -1.71
O1D HEM I . 3.02 -14.23 -2.29
O2D HEM I . 1.14 -15.42 -2.20
NA HEM I . 2.19 -14.49 5.40
NB HEM I . 2.85 -16.25 7.52
NC HEM I . 4.80 -17.52 5.92
ND HEM I . 4.25 -15.79 3.77
FE HEM I . 3.58 -16.00 5.74
N NO J . 2.53 -17.25 4.99
O NO J . 2.17 -17.82 4.07
N1 H4B K . -1.73 -7.73 0.19
C2 H4B K . -1.82 -8.99 0.65
N2 H4B K . -1.38 -9.28 1.86
N3 H4B K . -2.35 -10.00 -0.15
C4 H4B K . -2.81 -9.70 -1.46
O4 H4B K . -3.28 -10.60 -2.16
C4A H4B K . -2.79 -8.36 -1.86
C8A H4B K . -2.12 -7.42 -1.06
N5 H4B K . -3.04 -8.14 -3.21
N8 H4B K . -2.02 -6.08 -1.48
C6 H4B K . -2.56 -6.88 -3.79
C7 H4B K . -2.67 -5.76 -2.79
C9 H4B K . -3.24 -6.42 -5.08
O9 H4B K . -4.65 -6.29 -5.00
C10 H4B K . -2.54 -5.13 -5.53
C11 H4B K . -2.94 -4.84 -6.96
O10 H4B K . -1.16 -5.39 -5.50
N HAR L . -4.36 -15.74 2.31
CA HAR L . -4.50 -17.21 2.12
C HAR L . -5.92 -17.57 2.58
O HAR L . -6.27 -18.85 2.44
CB HAR L . -3.54 -17.97 3.03
CG HAR L . -2.09 -17.69 2.54
CD HAR L . -1.11 -18.29 3.57
NE HAR L . -1.25 -17.57 4.86
CZ HAR L . -0.60 -17.88 5.98
NH1 HAR L . 0.24 -18.94 5.99
NH2 HAR L . -0.81 -17.22 7.11
OH1 HAR L . 0.81 -19.24 7.29
OXT HAR L . -6.64 -16.60 3.17
C ACT M . 2.45 -14.00 14.84
O ACT M . 2.70 -12.95 15.49
OXT ACT M . 1.47 -14.65 15.22
CH3 ACT M . 3.25 -14.49 13.65
#